data_5TQU
#
_entry.id   5TQU
#
_cell.length_a   87.960
_cell.length_b   106.320
_cell.length_c   207.590
_cell.angle_alpha   90.00
_cell.angle_beta   90.00
_cell.angle_gamma   90.00
#
_symmetry.space_group_name_H-M   'P 21 21 21'
#
loop_
_entity.id
_entity.type
_entity.pdbx_description
1 polymer 'Methionyl-tRNA synthetase, putative'
2 non-polymer METHIONINE
3 non-polymer 2-[2-[[3-(1~{H}-benzimidazol-2-ylamino)propylamino]methyl]-4,6-bis(chloranyl)indol-1-yl]ethanol
4 non-polymer GLYCEROL
5 non-polymer 'SULFATE ION'
6 water water
#
_entity_poly.entity_id   1
_entity_poly.type   'polypeptide(L)'
_entity_poly.pdbx_seq_one_letter_code
;GPGSMKVEKVFFVTSPIYYVNAAPHIGHVYSTLITDVIGRYHRVKGERVFALTGTDEHGQKVAEAAKQKQVSPYDFTTAV
AGEFKKCFEQMDYSIDYFIRTTNEQHKAVVKELWTKLEQKGDIYLGRYEGWYSISDESFLTPQNITDGVDKDGNPCKVSL
ESGHVVTWVSEENYMFRLSAFRERLLEWYHANPGCIVPEFRRREVIRAVEKGLPDLSVSRARATLHNWAIPVPGNPDHCV
YVWLDALTNYLTGSRLRVDESGKEVSLVDDFNELERFPADVHVIGKDILKFHAIYWPAFLLSAGLPLPKKIVAHGWWTKD
RKKISKSLGNVFDPVEKAEEFGYDALKYFLLRESGFSDDGDYSDKNMIARLNGELADTLGNLVMRCTSAKINVNGEWPSP
AAYTEEDESLIQLIKDLPGTADHYYLIPDIQKAIIAVFDVLRAINAYVTDMAPWKLVKTDPERLRTVLYITLEGVRVTTL
LLSPILPRKSVVIFDMLGVPEVHRKGIENFEFGAVPPGTRLGPAVEGEVLFSKRSTENTKST
;
_entity_poly.pdbx_strand_id   A,B
#
# COMPACT_ATOMS: atom_id res chain seq x y z
N VAL A 7 -15.87 -21.48 -19.99
CA VAL A 7 -15.18 -20.67 -18.94
C VAL A 7 -15.86 -19.29 -18.75
N GLU A 8 -16.24 -18.62 -19.85
CA GLU A 8 -16.94 -17.30 -19.81
C GLU A 8 -18.49 -17.41 -19.84
N LYS A 9 -19.11 -16.81 -18.83
CA LYS A 9 -20.51 -16.91 -18.52
C LYS A 9 -21.02 -15.56 -18.06
N VAL A 10 -22.27 -15.50 -17.58
CA VAL A 10 -22.78 -14.31 -16.91
C VAL A 10 -22.33 -14.37 -15.47
N PHE A 11 -21.81 -13.26 -14.96
CA PHE A 11 -21.34 -13.21 -13.58
C PHE A 11 -22.57 -13.12 -12.69
N PHE A 12 -22.80 -14.20 -11.93
CA PHE A 12 -24.01 -14.36 -11.08
C PHE A 12 -23.67 -14.07 -9.61
N VAL A 13 -24.17 -12.93 -9.12
CA VAL A 13 -23.98 -12.53 -7.72
C VAL A 13 -25.36 -12.35 -7.04
N THR A 14 -25.45 -12.74 -5.76
CA THR A 14 -26.71 -12.85 -5.03
C THR A 14 -26.55 -12.31 -3.63
N SER A 15 -27.65 -11.77 -3.12
CA SER A 15 -27.80 -11.51 -1.69
C SER A 15 -28.65 -12.65 -1.12
N PRO A 16 -28.77 -12.73 0.22
CA PRO A 16 -29.76 -13.65 0.75
C PRO A 16 -31.13 -13.07 0.47
N ILE A 17 -32.17 -13.91 0.55
CA ILE A 17 -33.57 -13.44 0.47
C ILE A 17 -34.03 -13.26 1.90
N TYR A 18 -34.61 -12.10 2.19
CA TYR A 18 -34.83 -11.65 3.57
C TYR A 18 -36.22 -12.04 4.07
N TYR A 19 -36.33 -12.32 5.36
CA TYR A 19 -37.63 -12.67 5.94
C TYR A 19 -38.48 -11.40 6.01
N VAL A 20 -39.75 -11.58 5.65
CA VAL A 20 -40.74 -10.50 5.65
C VAL A 20 -41.49 -10.31 7.00
N ASN A 21 -41.05 -10.95 8.08
CA ASN A 21 -41.73 -10.79 9.39
C ASN A 21 -41.65 -9.35 9.97
N ALA A 22 -40.65 -8.59 9.52
CA ALA A 22 -40.48 -7.19 9.92
C ALA A 22 -39.94 -6.38 8.76
N ALA A 23 -39.92 -5.08 9.00
CA ALA A 23 -39.59 -4.10 7.97
C ALA A 23 -38.11 -4.13 7.61
N PRO A 24 -37.75 -3.57 6.42
CA PRO A 24 -36.34 -3.39 6.04
C PRO A 24 -35.55 -2.61 7.08
N HIS A 25 -34.27 -2.97 7.21
CA HIS A 25 -33.40 -2.38 8.19
C HIS A 25 -31.93 -2.59 7.74
N ILE A 26 -31.00 -2.02 8.50
CA ILE A 26 -29.60 -1.97 8.12
C ILE A 26 -28.99 -3.29 7.62
N GLY A 27 -29.29 -4.40 8.29
CA GLY A 27 -28.71 -5.69 7.94
C GLY A 27 -28.99 -6.13 6.52
N HIS A 28 -30.23 -5.89 6.08
CA HIS A 28 -30.65 -6.23 4.72
C HIS A 28 -29.97 -5.28 3.73
N VAL A 29 -29.94 -4.00 4.10
CA VAL A 29 -29.34 -2.94 3.29
C VAL A 29 -27.86 -3.23 3.04
N TYR A 30 -27.15 -3.63 4.09
CA TYR A 30 -25.74 -3.97 4.01
C TYR A 30 -25.52 -5.15 3.07
N SER A 31 -26.25 -6.23 3.31
CA SER A 31 -26.07 -7.46 2.51
C SER A 31 -26.28 -7.17 1.03
N THR A 32 -27.33 -6.41 0.72
CA THR A 32 -27.68 -6.05 -0.66
C THR A 32 -26.67 -5.04 -1.24
N LEU A 33 -26.18 -4.13 -0.41
CA LEU A 33 -25.11 -3.21 -0.83
C LEU A 33 -23.86 -3.96 -1.30
N ILE A 34 -23.43 -4.93 -0.53
CA ILE A 34 -22.28 -5.75 -0.90
C ILE A 34 -22.56 -6.44 -2.24
N THR A 35 -23.69 -7.12 -2.33
CA THR A 35 -24.11 -7.76 -3.60
C THR A 35 -24.08 -6.78 -4.79
N ASP A 36 -24.57 -5.57 -4.56
CA ASP A 36 -24.65 -4.55 -5.58
C ASP A 36 -23.28 -4.07 -6.06
N VAL A 37 -22.38 -3.84 -5.11
CA VAL A 37 -21.02 -3.37 -5.39
C VAL A 37 -20.24 -4.37 -6.21
N ILE A 38 -20.27 -5.64 -5.80
CA ILE A 38 -19.62 -6.71 -6.57
C ILE A 38 -20.16 -6.74 -8.02
N GLY A 39 -21.49 -6.65 -8.16
CA GLY A 39 -22.14 -6.58 -9.45
C GLY A 39 -21.67 -5.37 -10.23
N ARG A 40 -21.69 -4.21 -9.59
CA ARG A 40 -21.19 -3.00 -10.23
C ARG A 40 -19.73 -3.14 -10.69
N TYR A 41 -18.85 -3.68 -9.84
CA TYR A 41 -17.47 -3.83 -10.24
C TYR A 41 -17.36 -4.63 -11.54
N HIS A 42 -18.04 -5.77 -11.64
CA HIS A 42 -17.92 -6.62 -12.84
C HIS A 42 -18.54 -6.03 -14.11
N ARG A 43 -19.57 -5.20 -13.95
CA ARG A 43 -20.10 -4.43 -15.08
C ARG A 43 -19.07 -3.38 -15.57
N VAL A 44 -18.47 -2.63 -14.64
CA VAL A 44 -17.36 -1.67 -14.94
C VAL A 44 -16.17 -2.37 -15.61
N LYS A 45 -15.91 -3.61 -15.19
CA LYS A 45 -14.91 -4.45 -15.81
C LYS A 45 -15.30 -4.86 -17.23
N GLY A 46 -16.59 -4.82 -17.54
CA GLY A 46 -17.11 -5.08 -18.89
C GLY A 46 -17.77 -6.45 -19.06
N GLU A 47 -18.01 -7.17 -17.96
CA GLU A 47 -18.60 -8.51 -17.99
C GLU A 47 -20.11 -8.43 -17.97
N ARG A 48 -20.75 -9.53 -18.40
CA ARG A 48 -22.20 -9.69 -18.20
C ARG A 48 -22.49 -10.03 -16.74
N VAL A 49 -23.52 -9.41 -16.18
CA VAL A 49 -23.84 -9.53 -14.76
C VAL A 49 -25.33 -9.77 -14.55
N PHE A 50 -25.66 -10.68 -13.64
CA PHE A 50 -27.00 -10.83 -13.11
C PHE A 50 -26.89 -10.81 -11.58
N ALA A 51 -27.37 -9.75 -10.96
CA ALA A 51 -27.38 -9.64 -9.50
C ALA A 51 -28.81 -9.90 -8.99
N LEU A 52 -28.93 -10.75 -7.98
CA LEU A 52 -30.21 -11.23 -7.48
C LEU A 52 -30.39 -10.82 -6.02
N THR A 53 -31.59 -10.36 -5.68
CA THR A 53 -32.00 -10.22 -4.27
C THR A 53 -33.48 -10.62 -4.16
N GLY A 54 -34.05 -10.59 -2.95
CA GLY A 54 -35.43 -11.02 -2.75
C GLY A 54 -35.97 -11.19 -1.34
N THR A 55 -37.12 -11.86 -1.25
CA THR A 55 -37.81 -12.09 0.01
C THR A 55 -38.14 -13.58 0.23
N ASP A 56 -38.02 -13.99 1.49
CA ASP A 56 -38.29 -15.33 1.98
C ASP A 56 -39.62 -15.20 2.70
N GLU A 57 -40.67 -15.69 2.06
CA GLU A 57 -42.03 -15.33 2.42
C GLU A 57 -42.83 -16.43 3.12
N HIS A 58 -42.46 -17.68 2.96
CA HIS A 58 -43.15 -18.78 3.62
C HIS A 58 -42.66 -19.02 5.04
N GLY A 59 -43.29 -19.98 5.71
CA GLY A 59 -42.84 -20.51 7.00
C GLY A 59 -43.65 -20.06 8.20
N GLN A 60 -43.36 -20.72 9.33
CA GLN A 60 -44.09 -20.55 10.57
C GLN A 60 -44.06 -19.12 11.09
N LYS A 61 -42.86 -18.56 11.20
CA LYS A 61 -42.73 -17.22 11.79
C LYS A 61 -43.33 -16.08 10.99
N VAL A 62 -43.33 -16.20 9.67
CA VAL A 62 -44.01 -15.21 8.83
C VAL A 62 -45.52 -15.30 9.07
N ALA A 63 -46.06 -16.52 9.05
CA ALA A 63 -47.49 -16.75 9.29
C ALA A 63 -47.93 -16.23 10.65
N GLU A 64 -47.08 -16.44 11.66
CA GLU A 64 -47.37 -15.97 13.02
C GLU A 64 -47.25 -14.46 13.13
N ALA A 65 -46.24 -13.89 12.48
CA ALA A 65 -46.12 -12.44 12.38
C ALA A 65 -47.34 -11.79 11.70
N ALA A 66 -47.92 -12.45 10.70
CA ALA A 66 -49.16 -11.99 10.05
C ALA A 66 -50.41 -12.20 10.94
N LYS A 67 -50.45 -13.30 11.69
CA LYS A 67 -51.54 -13.55 12.65
C LYS A 67 -51.61 -12.39 13.68
N GLN A 68 -50.46 -12.03 14.26
CA GLN A 68 -50.38 -10.92 15.21
C GLN A 68 -50.84 -9.58 14.67
N LYS A 69 -50.58 -9.30 13.40
CA LYS A 69 -51.05 -8.06 12.76
C LYS A 69 -52.49 -8.15 12.21
N GLN A 70 -53.21 -9.23 12.55
CA GLN A 70 -54.59 -9.45 12.14
C GLN A 70 -54.79 -9.30 10.63
N VAL A 71 -53.89 -9.91 9.87
CA VAL A 71 -53.89 -9.84 8.40
C VAL A 71 -53.54 -11.22 7.82
N SER A 72 -54.10 -11.53 6.64
CA SER A 72 -53.85 -12.83 5.99
C SER A 72 -52.41 -12.87 5.51
N PRO A 73 -51.74 -14.05 5.61
CA PRO A 73 -50.34 -14.13 5.17
C PRO A 73 -50.06 -13.59 3.74
N TYR A 74 -51.00 -13.75 2.82
CA TYR A 74 -50.84 -13.26 1.46
C TYR A 74 -50.71 -11.74 1.43
N ASP A 75 -51.58 -11.06 2.18
CA ASP A 75 -51.59 -9.58 2.21
C ASP A 75 -50.39 -9.03 2.95
N PHE A 76 -50.02 -9.69 4.04
CA PHE A 76 -48.87 -9.30 4.85
C PHE A 76 -47.55 -9.41 4.07
N THR A 77 -47.30 -10.56 3.43
CA THR A 77 -46.08 -10.74 2.63
C THR A 77 -46.03 -9.80 1.43
N THR A 78 -47.16 -9.64 0.72
CA THR A 78 -47.19 -8.73 -0.43
C THR A 78 -46.90 -7.27 -0.01
N ALA A 79 -47.41 -6.87 1.14
CA ALA A 79 -47.14 -5.54 1.67
C ALA A 79 -45.67 -5.35 2.03
N VAL A 80 -45.09 -6.28 2.78
CA VAL A 80 -43.71 -6.14 3.25
C VAL A 80 -42.71 -6.26 2.09
N ALA A 81 -42.98 -7.13 1.13
CA ALA A 81 -42.14 -7.21 -0.07
C ALA A 81 -42.10 -5.86 -0.77
N GLY A 82 -43.24 -5.18 -0.84
CA GLY A 82 -43.30 -3.82 -1.39
C GLY A 82 -42.44 -2.81 -0.65
N GLU A 83 -42.39 -2.92 0.69
CA GLU A 83 -41.50 -2.09 1.51
C GLU A 83 -40.00 -2.38 1.24
N PHE A 84 -39.66 -3.64 0.99
CA PHE A 84 -38.30 -4.02 0.63
C PHE A 84 -37.91 -3.47 -0.73
N LYS A 85 -38.81 -3.60 -1.72
CA LYS A 85 -38.56 -3.06 -3.05
C LYS A 85 -38.35 -1.57 -3.02
N LYS A 86 -39.20 -0.87 -2.26
CA LYS A 86 -39.10 0.57 -2.15
C LYS A 86 -37.76 0.95 -1.50
N CYS A 87 -37.42 0.26 -0.42
CA CYS A 87 -36.15 0.50 0.26
C CYS A 87 -34.95 0.39 -0.70
N PHE A 88 -34.93 -0.64 -1.55
CA PHE A 88 -33.81 -0.86 -2.46
C PHE A 88 -33.79 0.10 -3.66
N GLU A 89 -34.96 0.55 -4.12
CA GLU A 89 -35.02 1.67 -5.08
C GLU A 89 -34.48 2.94 -4.43
N GLN A 90 -34.87 3.19 -3.19
CA GLN A 90 -34.47 4.38 -2.50
C GLN A 90 -32.95 4.43 -2.28
N MET A 91 -32.36 3.29 -1.97
CA MET A 91 -30.92 3.18 -1.72
C MET A 91 -30.08 3.19 -3.00
N ASP A 92 -30.73 3.16 -4.17
CA ASP A 92 -30.07 3.40 -5.45
C ASP A 92 -29.15 2.25 -5.88
N TYR A 93 -29.59 1.04 -5.59
CA TYR A 93 -28.89 -0.18 -6.01
C TYR A 93 -29.12 -0.42 -7.49
N SER A 94 -28.49 -1.45 -8.03
CA SER A 94 -28.65 -1.80 -9.45
C SER A 94 -28.79 -3.32 -9.54
N ILE A 95 -29.75 -3.83 -8.78
CA ILE A 95 -30.01 -5.27 -8.72
C ILE A 95 -30.82 -5.60 -9.95
N ASP A 96 -30.53 -6.72 -10.57
CA ASP A 96 -31.18 -7.07 -11.82
C ASP A 96 -32.59 -7.64 -11.65
N TYR A 97 -32.83 -8.40 -10.59
CA TYR A 97 -34.14 -9.00 -10.33
C TYR A 97 -34.44 -9.15 -8.84
N PHE A 98 -35.72 -8.97 -8.48
CA PHE A 98 -36.21 -9.14 -7.10
C PHE A 98 -37.11 -10.37 -7.03
N ILE A 99 -36.68 -11.40 -6.30
CA ILE A 99 -37.41 -12.68 -6.28
C ILE A 99 -38.19 -12.83 -4.98
N ARG A 100 -39.40 -13.41 -5.11
CA ARG A 100 -40.26 -13.72 -3.97
C ARG A 100 -40.55 -15.21 -4.02
N THR A 101 -40.46 -15.87 -2.88
CA THR A 101 -40.74 -17.32 -2.81
C THR A 101 -42.22 -17.70 -3.04
N THR A 102 -43.13 -16.72 -2.93
CA THR A 102 -44.53 -16.92 -3.31
C THR A 102 -44.75 -17.04 -4.83
N ASN A 103 -43.76 -16.64 -5.62
CA ASN A 103 -43.85 -16.71 -7.08
C ASN A 103 -44.10 -18.17 -7.53
N GLU A 104 -45.00 -18.34 -8.48
CA GLU A 104 -45.35 -19.67 -8.94
C GLU A 104 -44.17 -20.40 -9.58
N GLN A 105 -43.35 -19.69 -10.36
CA GLN A 105 -42.17 -20.30 -11.03
C GLN A 105 -41.17 -20.79 -10.00
N HIS A 106 -40.99 -20.02 -8.93
CA HIS A 106 -40.17 -20.51 -7.83
C HIS A 106 -40.68 -21.84 -7.26
N LYS A 107 -41.99 -21.95 -7.05
CA LYS A 107 -42.58 -23.17 -6.51
C LYS A 107 -42.37 -24.32 -7.47
N ALA A 108 -42.45 -24.01 -8.77
CA ALA A 108 -42.26 -25.02 -9.82
C ALA A 108 -40.88 -25.63 -9.71
N VAL A 109 -39.89 -24.77 -9.50
CA VAL A 109 -38.50 -25.18 -9.40
C VAL A 109 -38.27 -25.96 -8.10
N VAL A 110 -38.89 -25.53 -7.01
CA VAL A 110 -38.75 -26.25 -5.73
C VAL A 110 -39.25 -27.68 -5.88
N LYS A 111 -40.46 -27.84 -6.42
CA LYS A 111 -41.03 -29.19 -6.66
C LYS A 111 -40.12 -30.04 -7.56
N GLU A 112 -39.57 -29.41 -8.59
CA GLU A 112 -38.69 -30.06 -9.55
C GLU A 112 -37.42 -30.54 -8.84
N LEU A 113 -36.81 -29.66 -8.06
CA LEU A 113 -35.62 -30.03 -7.25
C LEU A 113 -35.95 -31.11 -6.21
N TRP A 114 -37.03 -30.92 -5.47
CA TRP A 114 -37.46 -31.90 -4.47
C TRP A 114 -37.54 -33.29 -5.11
N THR A 115 -38.25 -33.36 -6.24
CA THR A 115 -38.47 -34.62 -6.95
C THR A 115 -37.14 -35.26 -7.36
N LYS A 116 -36.21 -34.44 -7.83
CA LYS A 116 -34.87 -34.91 -8.20
C LYS A 116 -34.17 -35.56 -6.99
N LEU A 117 -34.18 -34.87 -5.86
CA LEU A 117 -33.58 -35.38 -4.62
C LEU A 117 -34.23 -36.70 -4.21
N GLU A 118 -35.56 -36.78 -4.33
CA GLU A 118 -36.34 -37.99 -3.98
C GLU A 118 -35.93 -39.15 -4.89
N GLN A 119 -35.86 -38.90 -6.20
CA GLN A 119 -35.50 -39.95 -7.17
C GLN A 119 -34.11 -40.51 -7.00
N LYS A 120 -33.16 -39.68 -6.55
CA LYS A 120 -31.80 -40.14 -6.27
C LYS A 120 -31.68 -40.96 -4.99
N GLY A 121 -32.77 -41.12 -4.24
CA GLY A 121 -32.75 -41.89 -3.00
C GLY A 121 -32.27 -41.10 -1.79
N ASP A 122 -32.24 -39.77 -1.89
CA ASP A 122 -31.67 -38.92 -0.84
C ASP A 122 -32.72 -38.29 0.08
N ILE A 123 -34.00 -38.46 -0.25
CA ILE A 123 -35.10 -38.16 0.67
C ILE A 123 -35.95 -39.41 1.13
N TYR A 124 -35.95 -39.70 2.44
CA TYR A 124 -36.76 -40.75 3.09
C TYR A 124 -37.63 -40.20 4.25
N LEU A 125 -38.63 -40.99 4.61
CA LEU A 125 -39.60 -40.62 5.64
C LEU A 125 -39.12 -41.11 6.99
N GLY A 126 -39.05 -40.19 7.95
CA GLY A 126 -38.49 -40.43 9.28
C GLY A 126 -39.15 -39.54 10.31
N ARG A 127 -38.48 -39.36 11.44
CA ARG A 127 -38.87 -38.34 12.46
C ARG A 127 -37.72 -37.43 12.87
N TYR A 128 -38.06 -36.18 13.17
CA TYR A 128 -37.17 -35.33 13.92
C TYR A 128 -37.75 -35.18 15.32
N GLU A 129 -36.94 -35.49 16.33
CA GLU A 129 -37.26 -35.21 17.74
C GLU A 129 -36.11 -34.39 18.34
N GLY A 130 -36.35 -33.12 18.60
CA GLY A 130 -35.26 -32.23 18.96
C GLY A 130 -35.66 -30.77 19.01
N TRP A 131 -34.68 -29.89 19.23
CA TRP A 131 -34.97 -28.46 19.37
C TRP A 131 -35.08 -27.75 18.00
N TYR A 132 -35.75 -26.60 18.00
CA TYR A 132 -35.98 -25.80 16.80
C TYR A 132 -36.13 -24.33 17.21
N SER A 133 -35.58 -23.43 16.39
CA SER A 133 -35.76 -21.99 16.58
C SER A 133 -36.60 -21.50 15.45
N ILE A 134 -37.86 -21.27 15.73
CA ILE A 134 -38.78 -20.67 14.78
C ILE A 134 -38.24 -19.33 14.22
N SER A 135 -37.57 -18.54 15.05
CA SER A 135 -37.05 -17.24 14.60
C SER A 135 -35.89 -17.37 13.61
N ASP A 136 -35.13 -18.46 13.71
CA ASP A 136 -34.04 -18.74 12.79
C ASP A 136 -34.38 -19.87 11.85
N GLU A 137 -35.61 -20.36 11.92
CA GLU A 137 -36.09 -21.57 11.21
C GLU A 137 -35.04 -22.69 11.17
N SER A 138 -34.36 -22.88 12.30
CA SER A 138 -33.15 -23.71 12.38
C SER A 138 -33.32 -24.87 13.33
N PHE A 139 -32.96 -26.07 12.89
CA PHE A 139 -32.77 -27.23 13.78
C PHE A 139 -31.52 -27.14 14.65
N LEU A 140 -31.66 -27.33 15.95
CA LEU A 140 -30.54 -27.27 16.91
C LEU A 140 -30.39 -28.54 17.71
N THR A 141 -29.15 -28.89 17.99
CA THR A 141 -28.82 -29.96 18.94
C THR A 141 -28.88 -29.39 20.39
N PRO A 142 -28.87 -30.27 21.42
CA PRO A 142 -28.96 -29.76 22.82
C PRO A 142 -27.76 -28.92 23.27
N GLN A 143 -26.60 -29.15 22.63
CA GLN A 143 -25.37 -28.39 22.90
C GLN A 143 -25.47 -26.92 22.43
N ASN A 144 -26.36 -26.64 21.47
CA ASN A 144 -26.58 -25.28 20.98
C ASN A 144 -27.72 -24.53 21.66
N ILE A 145 -28.29 -25.09 22.73
CA ILE A 145 -29.25 -24.35 23.57
C ILE A 145 -28.73 -24.08 24.98
N THR A 146 -29.44 -23.18 25.66
CA THR A 146 -29.18 -22.85 27.06
C THR A 146 -30.38 -22.10 27.66
N ASP A 147 -30.25 -21.66 28.91
CA ASP A 147 -31.38 -21.06 29.64
C ASP A 147 -31.57 -19.56 29.35
N GLY A 148 -32.81 -19.11 29.36
CA GLY A 148 -33.13 -17.71 29.09
C GLY A 148 -34.56 -17.30 29.43
N VAL A 149 -34.98 -16.18 28.87
CA VAL A 149 -36.22 -15.51 29.28
C VAL A 149 -37.22 -15.44 28.09
N ASP A 150 -38.44 -15.95 28.32
CA ASP A 150 -39.56 -15.87 27.34
C ASP A 150 -40.01 -14.42 27.07
N LYS A 151 -40.93 -14.26 26.12
CA LYS A 151 -41.49 -12.93 25.77
C LYS A 151 -42.20 -12.26 26.98
N ASP A 152 -42.68 -13.08 27.90
CA ASP A 152 -43.37 -12.58 29.09
C ASP A 152 -42.36 -12.47 30.23
N GLY A 153 -41.48 -13.46 30.33
CA GLY A 153 -40.46 -13.45 31.36
C GLY A 153 -40.43 -14.69 32.25
N ASN A 154 -40.41 -15.87 31.64
CA ASN A 154 -40.38 -17.08 32.42
C ASN A 154 -39.22 -17.89 31.97
N PRO A 155 -38.80 -18.85 32.76
CA PRO A 155 -37.64 -19.62 32.30
C PRO A 155 -38.05 -20.30 31.04
N CYS A 156 -37.10 -20.51 30.15
CA CYS A 156 -37.39 -21.17 28.90
C CYS A 156 -36.05 -21.44 28.31
N LYS A 157 -36.03 -22.04 27.14
CA LYS A 157 -34.75 -22.31 26.49
C LYS A 157 -34.55 -21.36 25.31
N VAL A 158 -33.29 -20.99 25.07
CA VAL A 158 -32.91 -20.10 23.95
C VAL A 158 -31.73 -20.70 23.19
N SER A 159 -31.49 -20.15 22.00
CA SER A 159 -30.41 -20.61 21.13
C SER A 159 -29.10 -19.98 21.54
N LEU A 160 -28.04 -20.77 21.62
CA LEU A 160 -26.68 -20.21 21.76
C LEU A 160 -26.31 -19.43 20.52
N GLU A 161 -26.75 -19.91 19.34
CA GLU A 161 -26.57 -19.15 18.08
C GLU A 161 -27.13 -17.71 18.25
N SER A 162 -28.44 -17.54 18.37
CA SER A 162 -29.08 -16.23 18.27
C SER A 162 -29.69 -15.62 19.53
N GLY A 163 -29.95 -16.44 20.56
CA GLY A 163 -30.64 -15.98 21.77
C GLY A 163 -32.15 -15.92 21.68
N HIS A 164 -32.69 -16.40 20.55
CA HIS A 164 -34.14 -16.51 20.35
C HIS A 164 -34.68 -17.77 21.00
N VAL A 165 -35.99 -17.75 21.24
CA VAL A 165 -36.63 -18.80 22.00
C VAL A 165 -36.65 -20.10 21.21
N VAL A 166 -36.29 -21.20 21.86
CA VAL A 166 -36.45 -22.50 21.23
C VAL A 166 -37.68 -23.29 21.76
N THR A 167 -38.03 -24.32 21.02
CA THR A 167 -39.16 -25.18 21.33
C THR A 167 -38.81 -26.58 20.86
N TRP A 168 -39.35 -27.58 21.55
CA TRP A 168 -39.13 -28.98 21.21
C TRP A 168 -40.15 -29.39 20.15
N VAL A 169 -39.74 -30.31 19.28
CA VAL A 169 -40.52 -30.74 18.14
C VAL A 169 -40.45 -32.24 18.05
N SER A 170 -41.62 -32.89 17.97
CA SER A 170 -41.66 -34.34 17.70
C SER A 170 -42.63 -34.67 16.58
N GLU A 171 -42.10 -34.68 15.35
CA GLU A 171 -42.88 -34.87 14.14
C GLU A 171 -42.32 -35.97 13.29
N GLU A 172 -43.19 -36.58 12.49
CA GLU A 172 -42.81 -37.47 11.42
C GLU A 172 -42.56 -36.58 10.20
N ASN A 173 -41.31 -36.57 9.70
CA ASN A 173 -40.85 -35.62 8.67
C ASN A 173 -40.14 -36.37 7.54
N TYR A 174 -40.13 -35.80 6.34
CA TYR A 174 -39.20 -36.21 5.28
C TYR A 174 -37.80 -35.77 5.65
N MET A 175 -36.85 -36.66 5.42
CA MET A 175 -35.48 -36.50 5.86
C MET A 175 -34.55 -36.53 4.64
N PHE A 176 -33.67 -35.54 4.57
CA PHE A 176 -32.61 -35.50 3.55
C PHE A 176 -31.39 -36.18 4.13
N ARG A 177 -30.82 -37.14 3.39
CA ARG A 177 -29.63 -37.87 3.87
C ARG A 177 -28.32 -37.06 3.91
N LEU A 178 -28.30 -36.00 4.72
CA LEU A 178 -27.14 -35.12 4.79
C LEU A 178 -25.87 -35.86 5.22
N SER A 179 -26.02 -36.82 6.13
CA SER A 179 -24.89 -37.60 6.63
C SER A 179 -24.07 -38.25 5.51
N ALA A 180 -24.75 -38.62 4.42
CA ALA A 180 -24.09 -39.27 3.28
C ALA A 180 -23.18 -38.35 2.48
N PHE A 181 -23.24 -37.04 2.73
CA PHE A 181 -22.50 -36.05 1.95
C PHE A 181 -21.25 -35.48 2.66
N ARG A 182 -20.91 -36.02 3.84
CA ARG A 182 -19.77 -35.56 4.63
C ARG A 182 -18.44 -35.61 3.89
N GLU A 183 -18.04 -36.78 3.40
CA GLU A 183 -16.79 -36.90 2.66
C GLU A 183 -16.76 -35.95 1.45
N ARG A 184 -17.84 -35.94 0.67
CA ARG A 184 -17.90 -35.10 -0.52
C ARG A 184 -17.81 -33.60 -0.20
N LEU A 185 -18.38 -33.16 0.91
CA LEU A 185 -18.32 -31.74 1.30
C LEU A 185 -16.90 -31.37 1.71
N LEU A 186 -16.28 -32.24 2.49
CA LEU A 186 -14.90 -32.06 2.86
C LEU A 186 -13.96 -32.03 1.66
N GLU A 187 -14.15 -32.93 0.67
CA GLU A 187 -13.40 -32.88 -0.60
C GLU A 187 -13.57 -31.52 -1.22
N TRP A 188 -14.81 -31.05 -1.31
CA TRP A 188 -15.10 -29.76 -1.94
C TRP A 188 -14.34 -28.59 -1.28
N TYR A 189 -14.36 -28.52 0.06
CA TYR A 189 -13.71 -27.43 0.79
C TYR A 189 -12.19 -27.45 0.61
N HIS A 190 -11.61 -28.64 0.69
CA HIS A 190 -10.17 -28.83 0.53
C HIS A 190 -9.71 -28.56 -0.92
N ALA A 191 -10.46 -29.03 -1.91
CA ALA A 191 -10.11 -28.79 -3.31
C ALA A 191 -10.24 -27.33 -3.70
N ASN A 192 -11.11 -26.57 -3.05
CA ASN A 192 -11.39 -25.19 -3.45
C ASN A 192 -11.24 -24.26 -2.25
N PRO A 193 -10.00 -24.04 -1.81
CA PRO A 193 -9.75 -23.39 -0.53
C PRO A 193 -10.08 -21.91 -0.47
N GLY A 194 -10.53 -21.31 -1.58
CA GLY A 194 -11.11 -19.99 -1.59
C GLY A 194 -12.64 -19.94 -1.64
N CYS A 195 -13.31 -21.09 -1.52
CA CYS A 195 -14.77 -21.15 -1.67
C CYS A 195 -15.57 -20.48 -0.55
N ILE A 196 -14.98 -20.27 0.61
CA ILE A 196 -15.66 -19.64 1.72
C ILE A 196 -14.74 -18.57 2.27
N VAL A 197 -15.27 -17.37 2.39
CA VAL A 197 -14.51 -16.21 2.79
C VAL A 197 -15.27 -15.48 3.89
N PRO A 198 -14.60 -14.95 4.91
CA PRO A 198 -13.18 -15.04 5.11
C PRO A 198 -12.73 -16.42 5.60
N GLU A 199 -11.41 -16.61 5.62
CA GLU A 199 -10.79 -17.90 5.87
C GLU A 199 -11.17 -18.53 7.22
N PHE A 200 -11.34 -17.72 8.27
CA PHE A 200 -11.70 -18.29 9.57
C PHE A 200 -13.11 -18.90 9.62
N ARG A 201 -14.02 -18.35 8.82
CA ARG A 201 -15.33 -18.97 8.62
C ARG A 201 -15.22 -20.25 7.79
N ARG A 202 -14.33 -20.29 6.80
CA ARG A 202 -14.05 -21.54 6.10
C ARG A 202 -13.61 -22.63 7.08
N ARG A 203 -12.71 -22.28 8.00
CA ARG A 203 -12.20 -23.22 8.99
C ARG A 203 -13.31 -23.68 9.93
N GLU A 204 -14.20 -22.76 10.33
CA GLU A 204 -15.38 -23.10 11.18
C GLU A 204 -16.25 -24.20 10.55
N VAL A 205 -16.61 -23.99 9.28
CA VAL A 205 -17.43 -24.95 8.54
C VAL A 205 -16.78 -26.32 8.51
N ILE A 206 -15.48 -26.36 8.22
CA ILE A 206 -14.76 -27.62 8.06
C ILE A 206 -14.76 -28.38 9.38
N ARG A 207 -14.46 -27.69 10.49
CA ARG A 207 -14.49 -28.34 11.80
C ARG A 207 -15.84 -28.98 12.00
N ALA A 208 -16.92 -28.21 11.78
CA ALA A 208 -18.30 -28.71 11.95
C ALA A 208 -18.55 -29.99 11.16
N VAL A 209 -18.17 -30.00 9.88
CA VAL A 209 -18.45 -31.15 9.02
C VAL A 209 -17.61 -32.36 9.43
N GLU A 210 -16.37 -32.10 9.84
CA GLU A 210 -15.47 -33.15 10.39
C GLU A 210 -16.14 -33.89 11.54
N LYS A 211 -16.67 -33.15 12.51
CA LYS A 211 -17.40 -33.71 13.68
C LYS A 211 -18.43 -34.77 13.30
N GLY A 212 -19.14 -34.52 12.20
CA GLY A 212 -20.17 -35.43 11.69
C GLY A 212 -21.44 -34.66 11.40
N LEU A 213 -22.26 -35.20 10.49
CA LEU A 213 -23.48 -34.54 10.04
C LEU A 213 -24.69 -35.41 10.28
N PRO A 214 -25.67 -34.91 11.06
CA PRO A 214 -26.95 -35.63 11.12
C PRO A 214 -27.75 -35.45 9.82
N ASP A 215 -28.65 -36.38 9.52
CA ASP A 215 -29.64 -36.14 8.45
C ASP A 215 -30.48 -34.91 8.82
N LEU A 216 -31.16 -34.36 7.82
CA LEU A 216 -31.79 -33.08 7.95
C LEU A 216 -33.27 -33.22 7.61
N SER A 217 -34.10 -32.65 8.47
CA SER A 217 -35.54 -32.58 8.22
C SER A 217 -35.85 -31.53 7.15
N VAL A 218 -36.52 -31.97 6.08
CA VAL A 218 -36.85 -31.07 4.97
C VAL A 218 -38.34 -30.90 4.73
N SER A 219 -39.15 -31.50 5.59
CA SER A 219 -40.59 -31.25 5.60
C SER A 219 -41.09 -31.00 7.02
N ARG A 220 -42.21 -30.32 7.11
CA ARG A 220 -42.95 -30.21 8.34
C ARG A 220 -44.38 -30.60 8.03
N ALA A 221 -45.12 -30.99 9.06
CA ALA A 221 -46.55 -31.24 8.95
C ALA A 221 -47.24 -29.93 8.61
N ARG A 222 -48.21 -29.97 7.69
CA ARG A 222 -48.86 -28.75 7.20
C ARG A 222 -49.49 -27.87 8.31
N ALA A 223 -50.06 -28.54 9.31
CA ALA A 223 -50.65 -27.85 10.45
C ALA A 223 -49.63 -26.94 11.18
N THR A 224 -48.40 -27.44 11.41
CA THR A 224 -47.41 -26.68 12.15
C THR A 224 -47.08 -25.33 11.50
N LEU A 225 -47.02 -25.34 10.16
CA LEU A 225 -46.63 -24.15 9.36
C LEU A 225 -47.80 -23.22 9.08
N HIS A 226 -48.96 -23.48 9.68
CA HIS A 226 -50.20 -22.72 9.43
C HIS A 226 -50.52 -22.71 7.91
N ASN A 227 -50.23 -23.83 7.25
CA ASN A 227 -50.39 -24.02 5.80
C ASN A 227 -49.78 -22.96 4.89
N TRP A 228 -48.73 -22.30 5.37
CA TRP A 228 -48.10 -21.19 4.65
C TRP A 228 -46.72 -21.66 4.19
N ALA A 229 -46.73 -22.48 3.15
CA ALA A 229 -45.54 -23.15 2.62
C ALA A 229 -45.88 -23.91 1.33
N ILE A 230 -44.86 -24.49 0.71
CA ILE A 230 -45.06 -25.23 -0.55
C ILE A 230 -45.34 -26.72 -0.22
N PRO A 231 -46.46 -27.27 -0.71
CA PRO A 231 -46.74 -28.69 -0.54
C PRO A 231 -45.67 -29.59 -1.10
N VAL A 232 -45.38 -30.65 -0.37
CA VAL A 232 -44.49 -31.68 -0.86
C VAL A 232 -45.16 -32.40 -2.00
N PRO A 233 -44.44 -32.60 -3.13
CA PRO A 233 -44.94 -33.40 -4.26
C PRO A 233 -45.43 -34.80 -3.87
N GLY A 234 -46.69 -35.09 -4.19
CA GLY A 234 -47.31 -36.38 -3.89
C GLY A 234 -47.58 -36.67 -2.42
N ASN A 235 -47.64 -35.64 -1.59
CA ASN A 235 -48.01 -35.79 -0.18
C ASN A 235 -48.47 -34.44 0.40
N PRO A 236 -49.76 -34.10 0.21
CA PRO A 236 -50.30 -32.78 0.63
C PRO A 236 -50.27 -32.51 2.13
N ASP A 237 -50.13 -33.56 2.95
CA ASP A 237 -50.06 -33.40 4.42
C ASP A 237 -48.76 -32.75 4.91
N HIS A 238 -47.74 -32.74 4.05
CA HIS A 238 -46.46 -32.15 4.38
C HIS A 238 -46.13 -30.93 3.51
N CYS A 239 -45.39 -30.02 4.12
CA CYS A 239 -44.90 -28.83 3.47
C CYS A 239 -43.36 -28.89 3.36
N VAL A 240 -42.80 -28.26 2.32
CA VAL A 240 -41.35 -28.19 2.15
C VAL A 240 -40.77 -27.17 3.15
N TYR A 241 -39.73 -27.61 3.87
CA TYR A 241 -38.90 -26.81 4.82
C TYR A 241 -38.58 -25.49 4.20
N VAL A 242 -38.74 -24.43 4.97
CA VAL A 242 -38.60 -23.09 4.46
C VAL A 242 -37.19 -22.80 3.86
N TRP A 243 -36.15 -23.49 4.33
CA TRP A 243 -34.77 -23.32 3.82
C TRP A 243 -34.49 -24.09 2.53
N LEU A 244 -35.02 -25.29 2.34
CA LEU A 244 -34.96 -25.89 0.99
C LEU A 244 -35.69 -25.02 -0.04
N ASP A 245 -36.84 -24.51 0.37
CA ASP A 245 -37.58 -23.49 -0.37
C ASP A 245 -36.69 -22.26 -0.62
N ALA A 246 -36.08 -21.74 0.45
CA ALA A 246 -35.41 -20.44 0.39
C ALA A 246 -34.11 -20.50 -0.40
N LEU A 247 -33.29 -21.50 -0.10
CA LEU A 247 -32.04 -21.71 -0.84
C LEU A 247 -32.28 -21.86 -2.33
N THR A 248 -33.38 -22.50 -2.71
CA THR A 248 -33.66 -22.77 -4.11
C THR A 248 -33.90 -21.49 -4.95
N ASN A 249 -34.10 -20.35 -4.28
CA ASN A 249 -34.29 -19.08 -5.01
C ASN A 249 -33.17 -18.77 -5.96
N TYR A 250 -31.95 -19.16 -5.58
CA TYR A 250 -30.77 -18.93 -6.39
C TYR A 250 -30.86 -19.71 -7.70
N LEU A 251 -31.34 -20.94 -7.61
CA LEU A 251 -31.63 -21.77 -8.80
C LEU A 251 -32.79 -21.19 -9.65
N THR A 252 -33.90 -20.85 -9.00
CA THR A 252 -35.01 -20.17 -9.68
C THR A 252 -34.54 -18.91 -10.42
N GLY A 253 -33.87 -18.00 -9.73
CA GLY A 253 -33.40 -16.73 -10.32
C GLY A 253 -32.47 -16.91 -11.51
N SER A 254 -31.67 -17.98 -11.45
CA SER A 254 -30.81 -18.34 -12.55
C SER A 254 -31.57 -18.74 -13.83
N ARG A 255 -32.86 -19.07 -13.72
CA ARG A 255 -33.68 -19.58 -14.85
C ARG A 255 -34.80 -18.63 -15.34
N LEU A 256 -34.92 -17.43 -14.76
CA LEU A 256 -35.96 -16.48 -15.13
C LEU A 256 -35.49 -15.45 -16.15
N ARG A 257 -36.06 -15.49 -17.34
CA ARG A 257 -35.92 -14.37 -18.29
C ARG A 257 -36.68 -13.16 -17.76
N VAL A 258 -36.08 -11.98 -17.88
CA VAL A 258 -36.60 -10.75 -17.29
C VAL A 258 -36.71 -9.63 -18.34
N ASP A 259 -37.83 -8.91 -18.37
CA ASP A 259 -38.01 -7.77 -19.29
C ASP A 259 -37.27 -6.48 -18.85
N GLU A 260 -37.29 -5.47 -19.72
CA GLU A 260 -36.62 -4.17 -19.50
C GLU A 260 -37.09 -3.40 -18.24
N SER A 261 -38.34 -3.62 -17.82
CA SER A 261 -38.89 -2.99 -16.59
C SER A 261 -38.61 -3.76 -15.27
N GLY A 262 -38.15 -5.01 -15.34
CA GLY A 262 -37.79 -5.80 -14.15
C GLY A 262 -38.73 -6.92 -13.73
N LYS A 263 -39.90 -7.03 -14.35
CA LYS A 263 -40.85 -8.14 -14.09
C LYS A 263 -40.40 -9.44 -14.77
N GLU A 264 -40.64 -10.57 -14.09
CA GLU A 264 -40.32 -11.91 -14.62
C GLU A 264 -41.25 -12.25 -15.78
N VAL A 265 -40.75 -12.99 -16.74
CA VAL A 265 -41.48 -13.23 -18.00
C VAL A 265 -41.60 -14.71 -18.33
N SER A 266 -40.61 -15.51 -17.97
CA SER A 266 -40.53 -16.87 -18.48
C SER A 266 -39.50 -17.65 -17.64
N LEU A 267 -39.70 -18.96 -17.49
CA LEU A 267 -38.83 -19.82 -16.72
C LEU A 267 -38.26 -20.88 -17.63
N VAL A 268 -36.99 -20.80 -17.94
CA VAL A 268 -36.36 -21.81 -18.79
C VAL A 268 -36.27 -23.17 -18.11
N ASP A 269 -36.24 -24.24 -18.91
CA ASP A 269 -36.14 -25.62 -18.39
C ASP A 269 -34.74 -25.97 -17.92
N ASP A 270 -33.74 -25.56 -18.69
CA ASP A 270 -32.35 -25.89 -18.43
C ASP A 270 -31.62 -24.60 -18.04
N PHE A 271 -30.97 -24.59 -16.88
CA PHE A 271 -30.20 -23.42 -16.39
C PHE A 271 -29.13 -22.91 -17.36
N ASN A 272 -28.51 -23.80 -18.13
CA ASN A 272 -27.48 -23.40 -19.08
C ASN A 272 -27.93 -22.44 -20.17
N GLU A 273 -29.23 -22.39 -20.46
CA GLU A 273 -29.76 -21.38 -21.39
C GLU A 273 -29.33 -19.95 -21.06
N LEU A 274 -29.44 -19.56 -19.78
CA LEU A 274 -29.10 -18.20 -19.35
C LEU A 274 -27.66 -18.00 -18.85
N GLU A 275 -26.89 -19.08 -18.72
CA GLU A 275 -25.47 -19.02 -18.35
C GLU A 275 -25.17 -18.33 -17.00
N ARG A 276 -26.11 -18.43 -16.05
CA ARG A 276 -25.92 -17.81 -14.73
C ARG A 276 -25.53 -18.81 -13.65
N PHE A 277 -26.17 -19.97 -13.63
CA PHE A 277 -25.93 -20.93 -12.55
C PHE A 277 -24.59 -21.63 -12.82
N PRO A 278 -23.78 -21.91 -11.79
CA PRO A 278 -24.01 -21.57 -10.38
C PRO A 278 -23.53 -20.18 -10.03
N ALA A 279 -23.87 -19.71 -8.85
CA ALA A 279 -23.45 -18.39 -8.41
C ALA A 279 -21.95 -18.29 -8.37
N ASP A 280 -21.45 -17.18 -8.87
CA ASP A 280 -20.03 -16.84 -8.71
C ASP A 280 -19.76 -16.34 -7.30
N VAL A 281 -20.69 -15.57 -6.73
CA VAL A 281 -20.60 -15.10 -5.33
C VAL A 281 -21.99 -15.12 -4.67
N HIS A 282 -22.12 -15.82 -3.53
CA HIS A 282 -23.26 -15.68 -2.62
C HIS A 282 -22.84 -14.77 -1.47
N VAL A 283 -23.42 -13.57 -1.39
CA VAL A 283 -23.21 -12.72 -0.21
C VAL A 283 -24.19 -13.15 0.89
N ILE A 284 -23.69 -13.38 2.10
CA ILE A 284 -24.56 -13.71 3.25
C ILE A 284 -24.05 -13.12 4.55
N GLY A 285 -24.93 -13.02 5.53
CA GLY A 285 -24.47 -12.79 6.90
C GLY A 285 -23.93 -14.05 7.52
N LYS A 286 -23.18 -13.89 8.62
CA LYS A 286 -22.59 -15.04 9.35
C LYS A 286 -23.64 -15.93 9.99
N ASP A 287 -24.78 -15.33 10.38
CA ASP A 287 -25.93 -16.06 10.90
C ASP A 287 -26.40 -17.26 10.04
N ILE A 288 -26.23 -17.21 8.71
CA ILE A 288 -26.77 -18.26 7.81
C ILE A 288 -25.72 -19.07 7.07
N LEU A 289 -24.52 -19.13 7.64
CA LEU A 289 -23.40 -19.79 6.98
C LEU A 289 -23.61 -21.29 6.82
N LYS A 290 -24.11 -21.94 7.86
CA LYS A 290 -24.26 -23.40 7.81
C LYS A 290 -25.17 -23.81 6.67
N PHE A 291 -26.21 -23.03 6.40
CA PHE A 291 -27.21 -23.36 5.40
C PHE A 291 -26.64 -23.24 3.97
N HIS A 292 -25.80 -22.22 3.76
CA HIS A 292 -25.17 -22.00 2.46
C HIS A 292 -23.93 -22.87 2.17
N ALA A 293 -23.17 -23.22 3.21
CA ALA A 293 -21.91 -23.98 3.06
C ALA A 293 -22.01 -25.49 3.32
N ILE A 294 -23.09 -25.91 3.99
CA ILE A 294 -23.30 -27.33 4.28
C ILE A 294 -24.53 -27.84 3.53
N TYR A 295 -25.71 -27.33 3.85
CA TYR A 295 -26.97 -27.84 3.26
C TYR A 295 -27.05 -27.67 1.74
N TRP A 296 -26.90 -26.42 1.32
CA TRP A 296 -27.01 -26.02 -0.07
C TRP A 296 -26.11 -26.85 -0.98
N PRO A 297 -24.80 -26.94 -0.68
CA PRO A 297 -23.98 -27.76 -1.58
C PRO A 297 -24.39 -29.25 -1.57
N ALA A 298 -24.83 -29.75 -0.41
CA ALA A 298 -25.24 -31.13 -0.31
C ALA A 298 -26.46 -31.41 -1.20
N PHE A 299 -27.44 -30.49 -1.19
CA PHE A 299 -28.58 -30.60 -2.13
C PHE A 299 -28.11 -30.60 -3.60
N LEU A 300 -27.16 -29.72 -3.91
CA LEU A 300 -26.66 -29.57 -5.27
C LEU A 300 -25.89 -30.83 -5.70
N LEU A 301 -25.14 -31.41 -4.76
CA LEU A 301 -24.45 -32.67 -5.01
C LEU A 301 -25.43 -33.81 -5.25
N SER A 302 -26.49 -33.87 -4.44
CA SER A 302 -27.56 -34.85 -4.62
C SER A 302 -28.24 -34.69 -5.98
N ALA A 303 -28.48 -33.45 -6.41
CA ALA A 303 -29.15 -33.19 -7.69
C ALA A 303 -28.23 -33.25 -8.93
N GLY A 304 -26.93 -33.49 -8.75
CA GLY A 304 -25.96 -33.39 -9.83
C GLY A 304 -25.95 -32.01 -10.47
N LEU A 305 -26.03 -30.97 -9.64
CA LEU A 305 -25.97 -29.58 -10.11
C LEU A 305 -24.61 -28.99 -9.75
N PRO A 306 -24.11 -28.03 -10.56
CA PRO A 306 -22.82 -27.41 -10.25
C PRO A 306 -22.86 -26.60 -8.94
N LEU A 307 -21.72 -26.55 -8.25
CA LEU A 307 -21.63 -25.88 -6.96
C LEU A 307 -21.19 -24.44 -7.15
N PRO A 308 -21.55 -23.57 -6.20
CA PRO A 308 -21.13 -22.16 -6.29
C PRO A 308 -19.61 -21.98 -6.12
N LYS A 309 -19.08 -20.89 -6.65
CA LYS A 309 -17.64 -20.64 -6.58
C LYS A 309 -17.22 -20.06 -5.23
N LYS A 310 -17.98 -19.10 -4.70
CA LYS A 310 -17.64 -18.38 -3.47
C LYS A 310 -18.89 -18.08 -2.65
N ILE A 311 -18.74 -18.25 -1.32
CA ILE A 311 -19.69 -17.77 -0.31
C ILE A 311 -18.93 -16.76 0.55
N VAL A 312 -19.44 -15.54 0.65
CA VAL A 312 -18.82 -14.50 1.44
C VAL A 312 -19.73 -14.22 2.59
N ALA A 313 -19.26 -14.49 3.81
CA ALA A 313 -20.05 -14.30 5.02
C ALA A 313 -19.51 -13.11 5.77
N HIS A 314 -20.28 -12.05 5.79
CA HIS A 314 -19.88 -10.82 6.47
C HIS A 314 -20.24 -10.85 7.95
N GLY A 315 -19.83 -9.81 8.64
CA GLY A 315 -19.65 -9.89 10.07
C GLY A 315 -20.84 -9.51 10.89
N TRP A 316 -21.88 -8.99 10.24
CA TRP A 316 -23.12 -8.64 10.91
C TRP A 316 -24.07 -9.86 10.89
N TRP A 317 -24.84 -10.06 11.93
CA TRP A 317 -25.81 -11.11 11.92
C TRP A 317 -26.78 -10.51 10.91
N THR A 318 -27.28 -11.28 9.98
CA THR A 318 -28.15 -10.74 8.92
C THR A 318 -29.39 -10.03 9.47
N LYS A 319 -30.00 -10.55 10.51
CA LYS A 319 -31.20 -9.96 11.05
C LYS A 319 -31.09 -9.82 12.56
N GLY A 329 -34.09 0.62 22.37
CA GLY A 329 -34.06 2.09 22.26
C GLY A 329 -32.82 2.66 21.57
N ASN A 330 -32.59 2.26 20.32
CA ASN A 330 -31.36 2.61 19.56
C ASN A 330 -31.57 2.35 18.04
N VAL A 331 -32.14 3.33 17.34
CA VAL A 331 -32.50 3.18 15.91
C VAL A 331 -31.30 3.55 14.99
N PHE A 332 -31.13 2.78 13.91
CA PHE A 332 -30.19 3.12 12.83
C PHE A 332 -30.87 2.91 11.48
N ASP A 333 -31.37 4.01 10.91
CA ASP A 333 -32.15 3.99 9.67
C ASP A 333 -31.26 4.43 8.50
N PRO A 334 -30.93 3.51 7.57
CA PRO A 334 -30.09 3.84 6.43
C PRO A 334 -30.58 5.06 5.63
N VAL A 335 -31.86 5.07 5.29
CA VAL A 335 -32.38 6.12 4.41
C VAL A 335 -32.37 7.48 5.11
N GLU A 336 -32.57 7.50 6.42
CA GLU A 336 -32.49 8.73 7.22
C GLU A 336 -31.07 9.29 7.13
N LYS A 337 -30.07 8.44 7.37
CA LYS A 337 -28.66 8.88 7.36
C LYS A 337 -28.16 9.29 5.97
N ALA A 338 -28.54 8.52 4.96
CA ALA A 338 -28.22 8.87 3.57
C ALA A 338 -28.82 10.22 3.15
N GLU A 339 -30.02 10.52 3.61
CA GLU A 339 -30.63 11.85 3.39
C GLU A 339 -29.85 12.98 4.10
N GLU A 340 -29.24 12.67 5.26
CA GLU A 340 -28.44 13.65 6.00
C GLU A 340 -27.02 13.81 5.45
N PHE A 341 -26.31 12.70 5.23
CA PHE A 341 -24.89 12.73 4.85
C PHE A 341 -24.61 12.49 3.34
N GLY A 342 -25.61 12.00 2.60
CA GLY A 342 -25.45 11.59 1.19
C GLY A 342 -25.49 10.08 1.02
N TYR A 343 -26.03 9.60 -0.11
CA TYR A 343 -26.16 8.14 -0.36
C TYR A 343 -24.80 7.45 -0.56
N ASP A 344 -24.07 7.87 -1.59
CA ASP A 344 -22.71 7.39 -1.82
C ASP A 344 -21.80 7.47 -0.57
N ALA A 345 -21.93 8.54 0.20
CA ALA A 345 -21.11 8.70 1.41
C ALA A 345 -21.40 7.61 2.48
N LEU A 346 -22.69 7.33 2.70
CA LEU A 346 -23.09 6.28 3.63
C LEU A 346 -22.59 4.93 3.15
N LYS A 347 -22.77 4.65 1.87
CA LYS A 347 -22.28 3.41 1.28
C LYS A 347 -20.77 3.28 1.47
N TYR A 348 -20.05 4.36 1.20
CA TYR A 348 -18.60 4.40 1.44
C TYR A 348 -18.29 4.04 2.89
N PHE A 349 -19.02 4.64 3.82
CA PHE A 349 -18.78 4.40 5.24
C PHE A 349 -19.00 2.93 5.66
N LEU A 350 -20.14 2.37 5.27
CA LEU A 350 -20.46 0.99 5.63
C LEU A 350 -19.43 0.00 5.09
N LEU A 351 -18.94 0.26 3.89
CA LEU A 351 -17.96 -0.61 3.23
C LEU A 351 -16.54 -0.38 3.69
N ARG A 352 -16.25 0.82 4.17
CA ARG A 352 -14.90 1.18 4.62
C ARG A 352 -14.66 0.88 6.10
N GLU A 353 -15.67 1.11 6.92
CA GLU A 353 -15.51 1.01 8.38
C GLU A 353 -15.24 -0.41 8.90
N SER A 354 -15.82 -1.43 8.26
CA SER A 354 -15.68 -2.80 8.73
C SER A 354 -15.26 -3.79 7.67
N GLY A 355 -14.60 -4.80 8.09
CA GLY A 355 -14.29 -5.92 7.25
C GLY A 355 -15.25 -6.98 7.70
N PHE A 356 -14.71 -8.14 8.02
CA PHE A 356 -15.49 -9.31 8.42
C PHE A 356 -15.48 -9.42 9.93
N SER A 357 -15.97 -8.34 10.55
CA SER A 357 -16.24 -8.26 11.95
C SER A 357 -17.42 -7.28 12.22
N ASP A 358 -18.03 -7.43 13.38
CA ASP A 358 -19.09 -6.54 13.72
C ASP A 358 -18.55 -5.18 14.07
N ASP A 359 -17.46 -5.18 14.83
CA ASP A 359 -16.96 -3.94 15.35
C ASP A 359 -16.70 -2.88 14.35
N GLY A 360 -17.42 -1.80 14.53
CA GLY A 360 -17.24 -0.66 13.70
C GLY A 360 -17.85 0.41 14.55
N ASP A 361 -17.27 1.60 14.52
CA ASP A 361 -17.82 2.70 15.27
C ASP A 361 -18.77 3.28 14.26
N TYR A 362 -20.03 2.89 14.37
CA TYR A 362 -21.05 3.35 13.40
C TYR A 362 -21.72 4.66 13.81
N SER A 363 -20.94 5.38 14.59
CA SER A 363 -21.44 6.60 15.19
C SER A 363 -21.45 7.76 14.21
N ASP A 364 -22.10 8.85 14.60
CA ASP A 364 -22.02 10.12 13.85
C ASP A 364 -20.62 10.75 13.93
N LYS A 365 -19.91 10.61 15.06
CA LYS A 365 -18.52 11.10 15.18
C LYS A 365 -17.67 10.48 14.05
N ASN A 366 -17.75 9.16 13.90
CA ASN A 366 -16.92 8.46 12.89
C ASN A 366 -17.36 8.62 11.43
N MET A 367 -18.67 8.60 11.19
CA MET A 367 -19.22 8.90 9.87
CA MET A 367 -19.23 8.89 9.87
C MET A 367 -18.71 10.25 9.37
N ILE A 368 -18.67 11.24 10.25
CA ILE A 368 -18.21 12.60 9.92
C ILE A 368 -16.69 12.65 9.74
N ALA A 369 -15.96 11.93 10.58
CA ALA A 369 -14.51 11.80 10.45
C ALA A 369 -14.11 11.33 9.06
N ARG A 370 -14.73 10.25 8.58
CA ARG A 370 -14.45 9.70 7.25
C ARG A 370 -15.02 10.54 6.10
N LEU A 371 -16.22 11.07 6.27
CA LEU A 371 -16.75 12.01 5.29
C LEU A 371 -15.77 13.19 5.10
N ASN A 372 -15.34 13.81 6.20
CA ASN A 372 -14.47 14.98 6.13
C ASN A 372 -13.05 14.63 5.74
N GLY A 373 -12.48 13.60 6.37
CA GLY A 373 -11.10 13.20 6.16
C GLY A 373 -10.84 12.60 4.79
N GLU A 374 -11.51 11.50 4.47
CA GLU A 374 -11.28 10.77 3.23
C GLU A 374 -12.02 11.37 2.04
N LEU A 375 -13.34 11.46 2.12
CA LEU A 375 -14.13 11.87 0.95
C LEU A 375 -13.95 13.35 0.55
N ALA A 376 -13.90 14.25 1.52
CA ALA A 376 -13.74 15.70 1.25
C ALA A 376 -12.27 16.11 1.09
N ASP A 377 -11.47 15.86 2.13
CA ASP A 377 -10.06 16.29 2.16
C ASP A 377 -9.16 15.53 1.20
N THR A 378 -9.36 14.23 1.05
CA THR A 378 -8.48 13.44 0.18
C THR A 378 -9.00 13.43 -1.24
N LEU A 379 -10.23 12.97 -1.45
CA LEU A 379 -10.76 12.83 -2.81
C LEU A 379 -11.28 14.17 -3.36
N GLY A 380 -12.18 14.79 -2.62
CA GLY A 380 -12.84 16.02 -3.04
C GLY A 380 -11.89 17.17 -3.36
N ASN A 381 -11.10 17.55 -2.37
CA ASN A 381 -10.02 18.53 -2.53
C ASN A 381 -9.11 18.29 -3.73
N LEU A 382 -8.79 17.03 -4.00
CA LEU A 382 -7.93 16.68 -5.12
C LEU A 382 -8.59 16.88 -6.49
N VAL A 383 -9.90 16.60 -6.57
CA VAL A 383 -10.69 16.86 -7.77
C VAL A 383 -10.77 18.37 -8.07
N MET A 384 -10.94 19.18 -7.03
CA MET A 384 -11.02 20.62 -7.17
C MET A 384 -9.69 21.21 -7.60
N ARG A 385 -8.57 20.72 -7.03
CA ARG A 385 -7.23 21.23 -7.37
C ARG A 385 -6.88 21.04 -8.85
N CYS A 386 -7.15 19.86 -9.41
CA CYS A 386 -6.79 19.58 -10.80
C CYS A 386 -7.74 20.17 -11.87
N THR A 387 -8.92 20.63 -11.45
CA THR A 387 -9.91 21.29 -12.33
C THR A 387 -10.02 22.80 -12.12
N SER A 388 -9.56 23.31 -10.97
CA SER A 388 -9.54 24.74 -10.63
C SER A 388 -9.07 25.60 -11.80
N ALA A 389 -9.73 26.73 -12.02
CA ALA A 389 -9.32 27.68 -13.05
C ALA A 389 -7.98 28.40 -12.71
N LYS A 390 -7.70 28.61 -11.42
CA LYS A 390 -6.39 29.11 -10.95
C LYS A 390 -5.23 28.21 -11.41
N ILE A 391 -5.38 26.89 -11.26
CA ILE A 391 -4.29 25.93 -11.53
C ILE A 391 -4.35 25.40 -12.97
N ASN A 392 -5.50 24.84 -13.36
CA ASN A 392 -5.74 24.37 -14.73
C ASN A 392 -6.36 25.51 -15.54
N VAL A 393 -5.50 26.41 -16.04
CA VAL A 393 -5.97 27.68 -16.64
C VAL A 393 -6.66 27.50 -17.99
N ASN A 394 -6.18 26.55 -18.80
CA ASN A 394 -6.82 26.28 -20.08
C ASN A 394 -8.07 25.39 -20.02
N GLY A 395 -8.37 24.81 -18.85
CA GLY A 395 -9.52 23.93 -18.68
C GLY A 395 -9.45 22.72 -19.60
N GLU A 396 -8.29 22.07 -19.61
CA GLU A 396 -8.09 20.86 -20.40
C GLU A 396 -7.07 19.92 -19.77
N TRP A 397 -6.94 18.75 -20.34
CA TRP A 397 -5.87 17.83 -20.00
C TRP A 397 -4.65 18.28 -20.79
N PRO A 398 -3.58 18.74 -20.09
CA PRO A 398 -2.35 19.10 -20.81
C PRO A 398 -1.53 17.90 -21.22
N SER A 399 -0.66 18.10 -22.21
CA SER A 399 0.28 17.04 -22.62
C SER A 399 1.51 17.15 -21.70
N PRO A 400 1.93 16.02 -21.10
CA PRO A 400 3.00 16.11 -20.12
C PRO A 400 4.32 16.38 -20.82
N ALA A 401 5.24 16.99 -20.09
CA ALA A 401 6.64 17.15 -20.52
C ALA A 401 7.44 15.90 -20.11
N ALA A 402 8.74 16.02 -19.88
CA ALA A 402 9.55 14.89 -19.43
C ALA A 402 9.27 14.60 -17.96
N TYR A 403 9.31 13.32 -17.61
CA TYR A 403 8.99 12.86 -16.26
C TYR A 403 10.24 12.74 -15.37
N THR A 404 10.21 13.34 -14.18
CA THR A 404 11.27 13.15 -13.18
C THR A 404 11.09 11.82 -12.48
N GLU A 405 12.06 11.42 -11.65
CA GLU A 405 11.96 10.16 -10.91
C GLU A 405 10.86 10.17 -9.85
N GLU A 406 10.54 11.34 -9.30
CA GLU A 406 9.40 11.49 -8.40
C GLU A 406 8.07 11.31 -9.16
N ASP A 407 7.96 11.93 -10.33
CA ASP A 407 6.83 11.72 -11.24
C ASP A 407 6.65 10.24 -11.53
N GLU A 408 7.74 9.58 -11.89
CA GLU A 408 7.72 8.16 -12.22
C GLU A 408 7.31 7.30 -11.04
N SER A 409 7.60 7.71 -9.81
CA SER A 409 7.21 6.90 -8.65
C SER A 409 5.68 6.93 -8.47
N LEU A 410 5.08 8.11 -8.63
CA LEU A 410 3.63 8.24 -8.51
C LEU A 410 2.92 7.50 -9.66
N ILE A 411 3.43 7.68 -10.87
CA ILE A 411 2.92 6.96 -12.04
C ILE A 411 2.93 5.44 -11.83
N GLN A 412 3.94 4.94 -11.14
CA GLN A 412 4.04 3.52 -10.88
C GLN A 412 2.93 3.06 -9.98
N LEU A 413 2.62 3.86 -8.96
CA LEU A 413 1.54 3.54 -8.05
C LEU A 413 0.19 3.42 -8.79
N ILE A 414 -0.05 4.40 -9.65
CA ILE A 414 -1.29 4.47 -10.39
C ILE A 414 -1.40 3.26 -11.32
N LYS A 415 -0.30 2.88 -11.94
CA LYS A 415 -0.31 1.71 -12.84
C LYS A 415 -0.56 0.40 -12.11
N ASP A 416 -0.02 0.29 -10.90
CA ASP A 416 -0.16 -0.93 -10.12
C ASP A 416 -1.54 -1.08 -9.47
N LEU A 417 -2.24 0.04 -9.26
CA LEU A 417 -3.51 0.05 -8.52
C LEU A 417 -4.62 -0.86 -9.07
N PRO A 418 -4.92 -0.78 -10.39
CA PRO A 418 -5.94 -1.67 -10.97
C PRO A 418 -5.80 -3.16 -10.66
N GLY A 419 -4.59 -3.70 -10.81
CA GLY A 419 -4.34 -5.11 -10.54
C GLY A 419 -4.49 -5.45 -9.07
N THR A 420 -4.08 -4.53 -8.21
CA THR A 420 -4.21 -4.69 -6.76
C THR A 420 -5.68 -4.67 -6.36
N ALA A 421 -6.40 -3.64 -6.80
CA ALA A 421 -7.82 -3.51 -6.51
C ALA A 421 -8.64 -4.66 -7.11
N ASP A 422 -8.25 -5.12 -8.30
CA ASP A 422 -8.94 -6.25 -8.92
C ASP A 422 -8.87 -7.49 -8.04
N HIS A 423 -7.67 -7.82 -7.57
CA HIS A 423 -7.52 -8.97 -6.69
C HIS A 423 -8.42 -8.85 -5.43
N TYR A 424 -8.48 -7.65 -4.84
CA TYR A 424 -9.30 -7.41 -3.65
C TYR A 424 -10.79 -7.52 -3.95
N TYR A 425 -11.25 -6.92 -5.04
CA TYR A 425 -12.67 -7.04 -5.44
C TYR A 425 -13.06 -8.49 -5.73
N LEU A 426 -12.13 -9.29 -6.24
CA LEU A 426 -12.43 -10.70 -6.54
C LEU A 426 -12.41 -11.67 -5.34
N ILE A 427 -11.80 -11.27 -4.23
CA ILE A 427 -11.72 -12.17 -3.05
C ILE A 427 -13.07 -12.70 -2.53
N PRO A 428 -14.04 -11.83 -2.23
CA PRO A 428 -13.99 -10.37 -2.30
C PRO A 428 -13.79 -9.71 -0.95
N ASP A 429 -12.97 -8.67 -0.90
CA ASP A 429 -12.68 -7.90 0.30
C ASP A 429 -12.77 -6.45 -0.11
N ILE A 430 -13.97 -5.91 -0.06
CA ILE A 430 -14.22 -4.54 -0.55
C ILE A 430 -13.53 -3.45 0.29
N GLN A 431 -13.44 -3.68 1.61
CA GLN A 431 -12.69 -2.77 2.49
C GLN A 431 -11.23 -2.57 2.04
N LYS A 432 -10.56 -3.68 1.69
CA LYS A 432 -9.18 -3.64 1.24
C LYS A 432 -9.01 -2.96 -0.12
N ALA A 433 -10.00 -3.11 -0.99
CA ALA A 433 -9.98 -2.46 -2.29
C ALA A 433 -10.08 -0.94 -2.14
N ILE A 434 -10.89 -0.48 -1.20
CA ILE A 434 -11.03 0.94 -0.93
C ILE A 434 -9.74 1.50 -0.36
N ILE A 435 -9.21 0.82 0.65
CA ILE A 435 -7.97 1.23 1.30
C ILE A 435 -6.86 1.40 0.25
N ALA A 436 -6.77 0.46 -0.68
CA ALA A 436 -5.73 0.51 -1.72
C ALA A 436 -5.87 1.76 -2.61
N VAL A 437 -7.10 2.08 -3.00
CA VAL A 437 -7.35 3.23 -3.82
C VAL A 437 -6.99 4.50 -3.08
N PHE A 438 -7.35 4.55 -1.81
CA PHE A 438 -7.14 5.75 -1.03
C PHE A 438 -5.66 5.96 -0.67
N ASP A 439 -4.90 4.89 -0.52
CA ASP A 439 -3.45 4.98 -0.40
C ASP A 439 -2.90 5.76 -1.59
N VAL A 440 -3.38 5.44 -2.80
CA VAL A 440 -2.93 6.15 -4.00
C VAL A 440 -3.44 7.59 -3.97
N LEU A 441 -4.68 7.81 -3.55
CA LEU A 441 -5.18 9.17 -3.46
C LEU A 441 -4.32 10.02 -2.51
N ARG A 442 -3.93 9.46 -1.37
CA ARG A 442 -3.03 10.15 -0.42
C ARG A 442 -1.70 10.48 -1.09
N ALA A 443 -1.09 9.48 -1.73
CA ALA A 443 0.14 9.70 -2.49
C ALA A 443 0.03 10.84 -3.51
N ILE A 444 -1.12 10.93 -4.19
CA ILE A 444 -1.31 11.96 -5.21
C ILE A 444 -1.37 13.32 -4.53
N ASN A 445 -2.02 13.40 -3.38
CA ASN A 445 -2.10 14.65 -2.64
C ASN A 445 -0.72 15.09 -2.19
N ALA A 446 0.04 14.15 -1.65
CA ALA A 446 1.42 14.41 -1.20
C ALA A 446 2.28 15.00 -2.33
N TYR A 447 2.18 14.37 -3.50
CA TYR A 447 2.84 14.84 -4.72
C TYR A 447 2.43 16.26 -5.12
N VAL A 448 1.14 16.58 -5.03
CA VAL A 448 0.62 17.92 -5.37
C VAL A 448 1.14 18.98 -4.40
N THR A 449 1.11 18.68 -3.10
CA THR A 449 1.67 19.59 -2.08
C THR A 449 3.19 19.82 -2.27
N ASP A 450 3.94 18.79 -2.68
CA ASP A 450 5.38 18.94 -3.01
C ASP A 450 5.61 19.81 -4.24
N MET A 451 4.89 19.53 -5.32
CA MET A 451 5.07 20.27 -6.57
C MET A 451 4.46 21.65 -6.54
N ALA A 452 3.50 21.87 -5.63
CA ALA A 452 2.80 23.16 -5.47
C ALA A 452 2.39 23.81 -6.81
N PRO A 453 1.46 23.18 -7.54
CA PRO A 453 1.24 23.60 -8.92
C PRO A 453 0.69 25.01 -9.06
N TRP A 454 0.00 25.49 -8.02
CA TRP A 454 -0.41 26.90 -7.91
C TRP A 454 0.75 27.91 -8.10
N LYS A 455 1.91 27.66 -7.49
CA LYS A 455 3.13 28.46 -7.75
C LYS A 455 3.66 28.27 -9.18
N LEU A 456 3.66 27.02 -9.66
CA LEU A 456 4.14 26.69 -11.01
C LEU A 456 3.41 27.40 -12.16
N VAL A 457 2.20 27.91 -11.91
CA VAL A 457 1.47 28.62 -12.98
C VAL A 457 2.19 29.89 -13.39
N LYS A 458 2.68 30.64 -12.40
CA LYS A 458 3.51 31.84 -12.64
C LYS A 458 4.91 31.43 -13.13
N THR A 459 5.62 30.59 -12.36
CA THR A 459 7.08 30.42 -12.52
C THR A 459 7.48 29.47 -13.65
N ASP A 460 6.96 28.23 -13.67
CA ASP A 460 7.40 27.20 -14.63
C ASP A 460 6.19 26.46 -15.27
N PRO A 461 5.63 27.00 -16.37
CA PRO A 461 4.50 26.39 -17.08
C PRO A 461 4.72 25.01 -17.71
N GLU A 462 5.89 24.75 -18.30
CA GLU A 462 6.21 23.43 -18.90
C GLU A 462 6.13 22.34 -17.83
N ARG A 463 6.57 22.67 -16.61
CA ARG A 463 6.51 21.74 -15.48
C ARG A 463 5.07 21.47 -15.01
N LEU A 464 4.25 22.50 -14.95
CA LEU A 464 2.85 22.37 -14.56
C LEU A 464 2.11 21.39 -15.43
N ARG A 465 2.33 21.45 -16.73
CA ARG A 465 1.74 20.49 -17.67
C ARG A 465 1.92 19.05 -17.16
N THR A 466 3.14 18.70 -16.77
CA THR A 466 3.47 17.36 -16.31
C THR A 466 2.77 17.02 -15.01
N VAL A 467 2.81 17.94 -14.04
CA VAL A 467 2.22 17.72 -12.72
C VAL A 467 0.70 17.55 -12.84
N LEU A 468 0.10 18.43 -13.63
CA LEU A 468 -1.35 18.46 -13.83
C LEU A 468 -1.82 17.22 -14.55
N TYR A 469 -1.11 16.81 -15.60
CA TYR A 469 -1.47 15.59 -16.32
C TYR A 469 -1.46 14.36 -15.41
N ILE A 470 -0.42 14.23 -14.59
CA ILE A 470 -0.31 13.07 -13.70
C ILE A 470 -1.45 13.09 -12.69
N THR A 471 -1.76 14.28 -12.15
CA THR A 471 -2.83 14.41 -11.14
C THR A 471 -4.19 14.01 -11.70
N LEU A 472 -4.53 14.58 -12.86
CA LEU A 472 -5.78 14.25 -13.57
C LEU A 472 -5.89 12.76 -13.83
N GLU A 473 -4.83 12.16 -14.37
CA GLU A 473 -4.88 10.76 -14.70
C GLU A 473 -4.97 9.89 -13.44
N GLY A 474 -4.35 10.32 -12.34
CA GLY A 474 -4.46 9.58 -11.07
C GLY A 474 -5.87 9.63 -10.51
N VAL A 475 -6.46 10.82 -10.55
CA VAL A 475 -7.85 11.01 -10.12
C VAL A 475 -8.81 10.16 -10.97
N ARG A 476 -8.59 10.13 -12.29
CA ARG A 476 -9.43 9.31 -13.19
C ARG A 476 -9.38 7.81 -12.86
N VAL A 477 -8.16 7.28 -12.68
CA VAL A 477 -8.01 5.84 -12.45
C VAL A 477 -8.55 5.43 -11.08
N THR A 478 -8.29 6.25 -10.06
CA THR A 478 -8.84 5.98 -8.74
C THR A 478 -10.37 6.09 -8.74
N THR A 479 -10.89 7.10 -9.42
CA THR A 479 -12.33 7.31 -9.46
C THR A 479 -13.01 6.18 -10.20
N LEU A 480 -12.39 5.71 -11.27
CA LEU A 480 -12.89 4.53 -12.00
C LEU A 480 -12.99 3.28 -11.12
N LEU A 481 -11.96 3.00 -10.32
CA LEU A 481 -11.99 1.86 -9.39
C LEU A 481 -12.91 2.04 -8.17
N LEU A 482 -13.18 3.30 -7.81
CA LEU A 482 -14.17 3.63 -6.77
C LEU A 482 -15.62 3.74 -7.27
N SER A 483 -15.86 3.58 -8.57
CA SER A 483 -17.18 3.84 -9.14
C SER A 483 -18.24 2.82 -8.66
N PRO A 484 -17.83 1.57 -8.35
CA PRO A 484 -18.80 0.67 -7.72
C PRO A 484 -19.22 1.07 -6.29
N ILE A 485 -18.37 1.81 -5.58
CA ILE A 485 -18.62 2.27 -4.20
C ILE A 485 -19.37 3.62 -4.21
N LEU A 486 -19.02 4.50 -5.15
CA LEU A 486 -19.58 5.86 -5.23
C LEU A 486 -20.12 6.03 -6.64
N PRO A 487 -21.28 5.39 -6.94
CA PRO A 487 -21.75 5.39 -8.33
C PRO A 487 -22.19 6.75 -8.87
N ARG A 488 -22.78 7.59 -8.03
CA ARG A 488 -23.26 8.91 -8.47
C ARG A 488 -22.13 9.91 -8.55
N LYS A 489 -21.35 10.01 -7.46
CA LYS A 489 -20.22 10.92 -7.40
C LYS A 489 -19.13 10.65 -8.45
N SER A 490 -18.90 9.38 -8.79
CA SER A 490 -17.95 9.03 -9.86
C SER A 490 -18.34 9.66 -11.19
N VAL A 491 -19.66 9.73 -11.43
CA VAL A 491 -20.20 10.35 -12.65
C VAL A 491 -19.97 11.87 -12.60
N VAL A 492 -20.20 12.48 -11.44
CA VAL A 492 -19.95 13.90 -11.27
C VAL A 492 -18.48 14.16 -11.56
N ILE A 493 -17.61 13.38 -10.91
CA ILE A 493 -16.16 13.54 -11.04
C ILE A 493 -15.75 13.39 -12.52
N PHE A 494 -16.16 12.30 -13.17
CA PHE A 494 -15.87 12.15 -14.59
C PHE A 494 -16.38 13.32 -15.44
N ASP A 495 -17.55 13.85 -15.12
CA ASP A 495 -18.08 15.04 -15.84
C ASP A 495 -17.15 16.26 -15.62
N MET A 496 -16.71 16.48 -14.39
CA MET A 496 -15.79 17.58 -14.10
C MET A 496 -14.48 17.42 -14.88
N LEU A 497 -13.97 16.19 -14.95
CA LEU A 497 -12.74 15.93 -15.69
C LEU A 497 -12.95 15.91 -17.20
N GLY A 498 -14.20 15.84 -17.63
CA GLY A 498 -14.51 15.82 -19.05
C GLY A 498 -14.17 14.49 -19.71
N VAL A 499 -14.29 13.39 -18.95
CA VAL A 499 -13.93 12.07 -19.45
C VAL A 499 -15.05 11.58 -20.36
N PRO A 500 -14.73 11.34 -21.64
CA PRO A 500 -15.73 10.75 -22.54
C PRO A 500 -16.40 9.51 -21.94
N GLU A 501 -17.68 9.33 -22.28
CA GLU A 501 -18.48 8.22 -21.74
C GLU A 501 -17.82 6.85 -21.99
N VAL A 502 -17.29 6.66 -23.18
CA VAL A 502 -16.65 5.39 -23.53
C VAL A 502 -15.48 5.05 -22.60
N HIS A 503 -14.81 6.06 -22.05
CA HIS A 503 -13.69 5.85 -21.13
C HIS A 503 -14.06 5.60 -19.66
N ARG A 504 -15.36 5.48 -19.36
CA ARG A 504 -15.82 5.30 -17.97
C ARG A 504 -16.01 3.85 -17.55
N LYS A 505 -15.66 2.92 -18.42
CA LYS A 505 -15.75 1.50 -18.09
C LYS A 505 -14.89 0.72 -19.02
N GLY A 506 -14.70 -0.57 -18.73
CA GLY A 506 -13.91 -1.45 -19.58
C GLY A 506 -12.47 -1.54 -19.11
N ILE A 507 -11.94 -2.76 -19.02
CA ILE A 507 -10.57 -2.98 -18.53
C ILE A 507 -9.52 -2.22 -19.31
N GLU A 508 -9.80 -1.93 -20.58
CA GLU A 508 -8.93 -1.07 -21.39
C GLU A 508 -8.65 0.28 -20.75
N ASN A 509 -9.62 0.84 -20.06
CA ASN A 509 -9.48 2.15 -19.46
C ASN A 509 -8.96 2.13 -18.02
N PHE A 510 -8.67 0.93 -17.50
CA PHE A 510 -7.85 0.80 -16.30
C PHE A 510 -6.38 1.23 -16.56
N GLU A 511 -5.93 1.16 -17.81
CA GLU A 511 -4.58 1.58 -18.22
C GLU A 511 -4.30 3.09 -18.07
N PHE A 512 -3.09 3.42 -17.62
CA PHE A 512 -2.64 4.80 -17.47
C PHE A 512 -2.55 5.39 -18.88
N GLY A 513 -2.97 6.64 -19.03
CA GLY A 513 -2.95 7.32 -20.33
C GLY A 513 -4.10 7.06 -21.30
N ALA A 514 -5.20 6.51 -20.83
CA ALA A 514 -6.35 6.18 -21.70
C ALA A 514 -7.12 7.41 -22.24
N VAL A 515 -7.07 8.53 -21.51
CA VAL A 515 -7.70 9.77 -21.93
C VAL A 515 -6.62 10.64 -22.55
N PRO A 516 -6.76 11.03 -23.82
CA PRO A 516 -5.68 11.74 -24.45
C PRO A 516 -5.60 13.24 -24.04
N PRO A 517 -4.39 13.82 -24.05
CA PRO A 517 -4.26 15.26 -23.81
C PRO A 517 -5.05 16.10 -24.81
N GLY A 518 -5.51 17.28 -24.38
CA GLY A 518 -6.36 18.14 -25.18
C GLY A 518 -7.86 17.96 -24.96
N THR A 519 -8.25 16.88 -24.29
CA THR A 519 -9.62 16.71 -23.79
C THR A 519 -10.01 17.90 -22.92
N ARG A 520 -11.13 18.54 -23.22
CA ARG A 520 -11.61 19.71 -22.46
C ARG A 520 -12.36 19.17 -21.25
N LEU A 521 -12.27 19.90 -20.14
CA LEU A 521 -13.00 19.59 -18.90
C LEU A 521 -14.48 19.87 -19.07
N GLY A 522 -15.29 19.38 -18.15
CA GLY A 522 -16.70 19.74 -18.10
C GLY A 522 -16.80 21.15 -17.56
N PRO A 523 -17.94 21.83 -17.79
CA PRO A 523 -18.08 23.20 -17.29
C PRO A 523 -18.23 23.21 -15.77
N ALA A 524 -17.89 24.34 -15.17
CA ALA A 524 -18.06 24.53 -13.72
C ALA A 524 -19.47 25.00 -13.43
N VAL A 525 -19.95 24.76 -12.20
CA VAL A 525 -21.16 25.41 -11.65
C VAL A 525 -20.69 26.43 -10.59
N GLU A 526 -21.39 27.57 -10.50
CA GLU A 526 -20.98 28.68 -9.63
C GLU A 526 -21.07 28.33 -8.13
N GLY A 527 -19.97 27.80 -7.58
CA GLY A 527 -19.89 27.36 -6.18
C GLY A 527 -20.32 25.91 -5.93
N GLU A 528 -19.99 25.00 -6.86
CA GLU A 528 -20.31 23.57 -6.73
C GLU A 528 -19.34 22.86 -5.78
N VAL A 529 -19.88 22.01 -4.90
CA VAL A 529 -19.08 21.19 -3.97
C VAL A 529 -19.43 19.73 -4.20
N LEU A 530 -18.43 18.87 -4.05
CA LEU A 530 -18.54 17.43 -4.31
C LEU A 530 -18.95 16.65 -3.03
N PHE A 531 -18.21 16.88 -1.96
CA PHE A 531 -18.55 16.41 -0.61
C PHE A 531 -18.43 17.62 0.33
N SER A 532 -19.55 18.11 0.84
CA SER A 532 -19.53 19.25 1.77
C SER A 532 -19.20 18.74 3.19
N LYS A 533 -18.28 19.43 3.86
CA LYS A 533 -17.86 19.04 5.20
C LYS A 533 -18.95 19.36 6.23
N ARG A 534 -19.24 18.41 7.13
CA ARG A 534 -20.27 18.60 8.16
C ARG A 534 -19.59 18.79 9.52
N SER A 535 -20.24 19.53 10.41
CA SER A 535 -19.74 19.85 11.75
C SER A 535 -18.24 20.16 11.85
N GLY B 1 5.13 -2.94 -11.46
CA GLY B 1 5.81 -3.24 -12.75
C GLY B 1 7.32 -3.20 -12.63
N PRO B 2 8.03 -3.51 -13.72
CA PRO B 2 9.50 -3.51 -13.67
C PRO B 2 10.10 -2.20 -13.16
N GLY B 3 11.14 -2.33 -12.37
CA GLY B 3 11.91 -1.18 -11.90
C GLY B 3 12.85 -0.70 -12.98
N SER B 4 13.60 0.35 -12.68
CA SER B 4 14.53 0.94 -13.64
C SER B 4 15.67 -0.03 -13.97
N MET B 5 16.22 0.15 -15.15
CA MET B 5 17.32 -0.65 -15.66
C MET B 5 18.60 -0.32 -14.91
N LYS B 6 19.56 -1.24 -14.90
CA LYS B 6 20.92 -0.95 -14.40
C LYS B 6 21.58 0.13 -15.27
N VAL B 7 22.22 1.13 -14.66
CA VAL B 7 22.99 2.14 -15.41
C VAL B 7 24.17 1.45 -16.11
N GLU B 8 24.63 2.03 -17.22
CA GLU B 8 25.79 1.49 -17.96
C GLU B 8 27.13 1.87 -17.29
N LYS B 9 27.20 3.02 -16.63
CA LYS B 9 28.45 3.54 -16.05
C LYS B 9 28.67 2.97 -14.65
N VAL B 10 29.69 3.44 -13.93
CA VAL B 10 29.81 3.17 -12.50
C VAL B 10 28.94 4.18 -11.76
N PHE B 11 28.16 3.68 -10.82
CA PHE B 11 27.24 4.54 -10.09
C PHE B 11 28.06 5.28 -9.05
N PHE B 12 28.14 6.60 -9.23
CA PHE B 12 29.00 7.46 -8.43
C PHE B 12 28.17 8.25 -7.42
N VAL B 13 28.33 7.89 -6.15
CA VAL B 13 27.63 8.56 -5.06
C VAL B 13 28.66 9.09 -4.04
N THR B 14 28.36 10.27 -3.48
CA THR B 14 29.30 11.02 -2.68
C THR B 14 28.61 11.60 -1.46
N SER B 15 29.37 11.71 -0.38
CA SER B 15 28.97 12.54 0.75
C SER B 15 29.75 13.85 0.60
N PRO B 16 29.44 14.86 1.44
CA PRO B 16 30.32 16.01 1.46
C PRO B 16 31.61 15.61 2.13
N ILE B 17 32.65 16.41 1.96
CA ILE B 17 33.89 16.24 2.72
C ILE B 17 33.81 17.16 3.93
N TYR B 18 34.12 16.63 5.11
CA TYR B 18 33.80 17.29 6.37
C TYR B 18 35.01 18.08 6.92
N TYR B 19 34.74 19.17 7.63
CA TYR B 19 35.76 20.06 8.17
C TYR B 19 36.44 19.35 9.37
N VAL B 20 37.78 19.41 9.43
CA VAL B 20 38.56 18.75 10.49
C VAL B 20 38.75 19.59 11.76
N ASN B 21 38.02 20.70 11.84
CA ASN B 21 38.00 21.63 12.96
C ASN B 21 37.14 21.21 14.14
N ALA B 22 36.32 20.17 13.98
CA ALA B 22 35.58 19.53 15.10
C ALA B 22 35.58 17.99 14.91
N ALA B 23 35.42 17.23 15.99
CA ALA B 23 35.44 15.75 15.91
C ALA B 23 34.17 15.26 15.20
N PRO B 24 34.19 13.98 14.73
CA PRO B 24 32.99 13.37 14.15
C PRO B 24 31.75 13.42 15.07
N HIS B 25 30.58 13.56 14.48
CA HIS B 25 29.31 13.71 15.21
C HIS B 25 28.10 13.39 14.28
N ILE B 26 26.90 13.39 14.83
CA ILE B 26 25.70 12.87 14.15
C ILE B 26 25.50 13.38 12.72
N GLY B 27 25.71 14.67 12.48
CA GLY B 27 25.53 15.24 11.15
C GLY B 27 26.37 14.59 10.05
N HIS B 28 27.63 14.29 10.37
CA HIS B 28 28.55 13.62 9.45
C HIS B 28 28.13 12.17 9.24
N VAL B 29 27.76 11.54 10.35
CA VAL B 29 27.30 10.15 10.38
C VAL B 29 26.06 9.96 9.52
N TYR B 30 25.10 10.87 9.65
CA TYR B 30 23.88 10.86 8.85
C TYR B 30 24.20 11.01 7.36
N SER B 31 24.97 12.05 7.02
CA SER B 31 25.31 12.34 5.62
C SER B 31 25.95 11.13 4.96
N THR B 32 26.92 10.52 5.65
CA THR B 32 27.66 9.37 5.15
C THR B 32 26.78 8.10 5.14
N LEU B 33 25.87 7.96 6.12
CA LEU B 33 24.88 6.88 6.11
C LEU B 33 24.00 6.90 4.86
N ILE B 34 23.47 8.07 4.52
CA ILE B 34 22.67 8.23 3.31
C ILE B 34 23.50 7.81 2.09
N THR B 35 24.69 8.38 1.97
CA THR B 35 25.62 8.03 0.89
C THR B 35 25.84 6.52 0.81
N ASP B 36 26.04 5.90 1.96
CA ASP B 36 26.35 4.48 2.04
C ASP B 36 25.18 3.61 1.60
N VAL B 37 23.98 3.97 2.05
CA VAL B 37 22.76 3.26 1.69
C VAL B 37 22.50 3.29 0.18
N ILE B 38 22.57 4.48 -0.41
CA ILE B 38 22.38 4.61 -1.87
C ILE B 38 23.39 3.71 -2.60
N GLY B 39 24.63 3.73 -2.14
CA GLY B 39 25.67 2.86 -2.67
C GLY B 39 25.33 1.40 -2.51
N ARG B 40 24.95 1.03 -1.30
CA ARG B 40 24.54 -0.33 -1.05
C ARG B 40 23.39 -0.74 -1.96
N TYR B 41 22.38 0.12 -2.12
CA TYR B 41 21.25 -0.26 -2.98
C TYR B 41 21.71 -0.64 -4.40
N HIS B 42 22.57 0.18 -4.98
CA HIS B 42 22.97 -0.06 -6.37
C HIS B 42 23.90 -1.28 -6.53
N ARG B 43 24.66 -1.59 -5.48
CA ARG B 43 25.44 -2.81 -5.48
C ARG B 43 24.53 -4.03 -5.47
N VAL B 44 23.54 -4.00 -4.58
CA VAL B 44 22.53 -5.05 -4.48
C VAL B 44 21.78 -5.21 -5.83
N LYS B 45 21.51 -4.10 -6.50
CA LYS B 45 20.92 -4.10 -7.83
C LYS B 45 21.83 -4.75 -8.88
N GLY B 46 23.13 -4.79 -8.59
CA GLY B 46 24.12 -5.46 -9.44
C GLY B 46 24.90 -4.52 -10.32
N GLU B 47 24.87 -3.23 -9.98
CA GLU B 47 25.66 -2.22 -10.68
C GLU B 47 27.03 -2.07 -10.04
N ARG B 48 27.96 -1.53 -10.81
CA ARG B 48 29.22 -1.05 -10.30
C ARG B 48 29.02 0.26 -9.52
N VAL B 49 29.71 0.37 -8.40
CA VAL B 49 29.52 1.48 -7.47
C VAL B 49 30.84 2.02 -6.98
N PHE B 50 30.93 3.34 -6.91
CA PHE B 50 32.01 4.04 -6.24
C PHE B 50 31.38 5.07 -5.30
N ALA B 51 31.50 4.84 -4.01
CA ALA B 51 30.99 5.77 -3.01
C ALA B 51 32.17 6.50 -2.39
N LEU B 52 32.04 7.82 -2.27
CA LEU B 52 33.12 8.66 -1.87
C LEU B 52 32.73 9.43 -0.62
N THR B 53 33.65 9.53 0.33
CA THR B 53 33.54 10.48 1.44
C THR B 53 34.93 11.08 1.68
N GLY B 54 35.04 11.98 2.65
CA GLY B 54 36.34 12.59 2.95
C GLY B 54 36.39 13.77 3.89
N THR B 55 37.51 14.47 3.88
CA THR B 55 37.71 15.60 4.76
C THR B 55 38.19 16.86 4.09
N ASP B 56 37.75 18.00 4.59
CA ASP B 56 38.10 19.32 4.12
C ASP B 56 39.13 19.82 5.11
N GLU B 57 40.39 19.77 4.71
CA GLU B 57 41.51 20.10 5.57
C GLU B 57 42.25 21.43 5.52
N HIS B 58 42.17 22.16 4.43
CA HIS B 58 42.88 23.45 4.33
C HIS B 58 42.15 24.60 5.03
N GLY B 59 42.78 25.77 5.02
CA GLY B 59 42.18 27.01 5.45
C GLY B 59 42.68 27.62 6.75
N GLN B 60 42.26 28.86 6.98
CA GLN B 60 42.67 29.66 8.13
C GLN B 60 42.33 29.02 9.49
N LYS B 61 41.06 28.68 9.70
CA LYS B 61 40.61 28.19 11.02
C LYS B 61 41.19 26.83 11.39
N VAL B 62 41.49 25.98 10.39
CA VAL B 62 42.16 24.69 10.64
C VAL B 62 43.58 24.97 11.12
N ALA B 63 44.28 25.85 10.42
CA ALA B 63 45.65 26.25 10.79
C ALA B 63 45.75 26.87 12.18
N GLU B 64 44.78 27.71 12.52
CA GLU B 64 44.74 28.35 13.84
C GLU B 64 44.40 27.31 14.91
N ALA B 65 43.45 26.42 14.61
CA ALA B 65 43.12 25.32 15.52
C ALA B 65 44.31 24.43 15.81
N ALA B 66 45.17 24.21 14.81
CA ALA B 66 46.41 23.46 15.00
C ALA B 66 47.49 24.25 15.76
N LYS B 67 47.58 25.57 15.53
CA LYS B 67 48.49 26.42 16.31
C LYS B 67 48.19 26.32 17.81
N GLN B 68 46.91 26.47 18.17
CA GLN B 68 46.47 26.34 19.58
C GLN B 68 46.82 25.02 20.23
N LYS B 69 46.75 23.93 19.48
CA LYS B 69 47.10 22.61 20.01
C LYS B 69 48.61 22.30 19.91
N GLN B 70 49.44 23.32 19.58
CA GLN B 70 50.91 23.22 19.47
C GLN B 70 51.37 22.07 18.59
N VAL B 71 50.71 21.94 17.45
CA VAL B 71 50.95 20.86 16.50
C VAL B 71 50.94 21.42 15.07
N SER B 72 51.75 20.84 14.18
CA SER B 72 51.83 21.34 12.80
C SER B 72 50.51 20.99 12.09
N PRO B 73 50.01 21.90 11.22
CA PRO B 73 48.76 21.62 10.51
C PRO B 73 48.70 20.23 9.84
N TYR B 74 49.82 19.73 9.31
CA TYR B 74 49.81 18.40 8.69
C TYR B 74 49.50 17.30 9.70
N ASP B 75 50.10 17.35 10.88
CA ASP B 75 49.86 16.35 11.91
C ASP B 75 48.44 16.44 12.51
N PHE B 76 47.96 17.67 12.67
CA PHE B 76 46.63 17.93 13.22
C PHE B 76 45.51 17.40 12.33
N THR B 77 45.60 17.73 11.04
CA THR B 77 44.63 17.24 10.06
C THR B 77 44.77 15.72 9.91
N THR B 78 45.99 15.19 9.87
CA THR B 78 46.18 13.73 9.78
C THR B 78 45.54 12.99 10.97
N ALA B 79 45.63 13.59 12.16
CA ALA B 79 45.02 13.02 13.35
C ALA B 79 43.49 13.03 13.27
N VAL B 80 42.89 14.16 12.90
CA VAL B 80 41.44 14.29 12.89
C VAL B 80 40.84 13.47 11.75
N ALA B 81 41.52 13.42 10.63
CA ALA B 81 41.10 12.53 9.54
C ALA B 81 41.05 11.06 10.01
N GLY B 82 42.02 10.66 10.81
CA GLY B 82 42.01 9.34 11.45
C GLY B 82 40.81 9.07 12.33
N GLU B 83 40.36 10.08 13.10
CA GLU B 83 39.14 9.99 13.91
C GLU B 83 37.88 9.80 13.03
N PHE B 84 37.86 10.46 11.88
CA PHE B 84 36.76 10.32 10.94
C PHE B 84 36.75 8.93 10.35
N LYS B 85 37.91 8.44 9.93
CA LYS B 85 38.01 7.09 9.37
C LYS B 85 37.57 6.05 10.38
N LYS B 86 37.99 6.22 11.63
CA LYS B 86 37.63 5.26 12.68
C LYS B 86 36.12 5.28 12.89
N CYS B 87 35.55 6.47 12.97
CA CYS B 87 34.11 6.62 13.17
C CYS B 87 33.33 5.86 12.09
N PHE B 88 33.77 5.95 10.84
CA PHE B 88 33.08 5.31 9.74
C PHE B 88 33.34 3.81 9.67
N GLU B 89 34.50 3.33 10.10
CA GLU B 89 34.70 1.88 10.30
C GLU B 89 33.77 1.38 11.40
N GLN B 90 33.67 2.13 12.48
CA GLN B 90 32.87 1.73 13.64
C GLN B 90 31.38 1.63 13.29
N MET B 91 30.90 2.57 12.47
CA MET B 91 29.50 2.59 12.05
C MET B 91 29.19 1.56 10.97
N ASP B 92 30.20 0.86 10.44
CA ASP B 92 30.02 -0.28 9.56
C ASP B 92 29.50 0.12 8.16
N TYR B 93 30.00 1.25 7.65
CA TYR B 93 29.73 1.71 6.30
C TYR B 93 30.54 0.91 5.27
N SER B 94 30.32 1.17 3.99
CA SER B 94 31.01 0.45 2.92
C SER B 94 31.38 1.49 1.84
N ILE B 95 32.07 2.53 2.30
CA ILE B 95 32.50 3.61 1.44
C ILE B 95 33.75 3.12 0.72
N ASP B 96 33.85 3.41 -0.56
CA ASP B 96 34.93 2.87 -1.37
C ASP B 96 36.27 3.59 -1.19
N TYR B 97 36.23 4.90 -0.98
CA TYR B 97 37.44 5.69 -0.83
C TYR B 97 37.22 6.90 0.08
N PHE B 98 38.26 7.20 0.84
CA PHE B 98 38.24 8.32 1.77
C PHE B 98 39.24 9.34 1.25
N ILE B 99 38.77 10.51 0.87
CA ILE B 99 39.62 11.51 0.24
C ILE B 99 39.94 12.65 1.20
N ARG B 100 41.17 13.12 1.10
CA ARG B 100 41.65 14.23 1.89
C ARG B 100 42.18 15.29 0.95
N THR B 101 41.83 16.53 1.21
CA THR B 101 42.27 17.65 0.35
C THR B 101 43.81 17.94 0.42
N THR B 102 44.48 17.41 1.45
CA THR B 102 45.95 17.43 1.52
C THR B 102 46.65 16.51 0.51
N ASN B 103 45.90 15.55 -0.07
CA ASN B 103 46.48 14.59 -0.99
C ASN B 103 47.08 15.32 -2.18
N GLU B 104 48.24 14.87 -2.64
CA GLU B 104 48.93 15.53 -3.75
C GLU B 104 48.16 15.45 -5.06
N GLN B 105 47.54 14.29 -5.34
CA GLN B 105 46.74 14.13 -6.57
C GLN B 105 45.54 15.07 -6.57
N HIS B 106 44.91 15.24 -5.42
CA HIS B 106 43.85 16.26 -5.31
C HIS B 106 44.35 17.65 -5.72
N LYS B 107 45.53 18.04 -5.23
CA LYS B 107 46.10 19.35 -5.52
C LYS B 107 46.41 19.46 -7.00
N ALA B 108 46.86 18.36 -7.59
CA ALA B 108 47.12 18.29 -9.04
C ALA B 108 45.86 18.63 -9.85
N VAL B 109 44.74 18.06 -9.44
CA VAL B 109 43.47 18.23 -10.12
C VAL B 109 42.93 19.64 -9.89
N VAL B 110 43.07 20.17 -8.68
CA VAL B 110 42.68 21.56 -8.41
C VAL B 110 43.42 22.53 -9.33
N LYS B 111 44.75 22.42 -9.40
CA LYS B 111 45.57 23.26 -10.32
C LYS B 111 45.11 23.13 -11.78
N GLU B 112 44.83 21.89 -12.19
CA GLU B 112 44.42 21.58 -13.54
C GLU B 112 43.07 22.26 -13.85
N LEU B 113 42.11 22.10 -12.95
CA LEU B 113 40.82 22.77 -13.10
C LEU B 113 40.96 24.29 -13.05
N TRP B 114 41.72 24.81 -12.08
CA TRP B 114 41.96 26.25 -11.95
C TRP B 114 42.44 26.80 -13.28
N THR B 115 43.49 26.18 -13.83
CA THR B 115 44.08 26.61 -15.09
C THR B 115 43.06 26.62 -16.24
N LYS B 116 42.23 25.58 -16.32
CA LYS B 116 41.18 25.51 -17.33
C LYS B 116 40.24 26.70 -17.22
N LEU B 117 39.76 26.98 -16.01
CA LEU B 117 38.89 28.13 -15.77
C LEU B 117 39.56 29.46 -16.15
N GLU B 118 40.84 29.60 -15.83
CA GLU B 118 41.64 30.81 -16.15
C GLU B 118 41.76 30.97 -17.68
N GLN B 119 42.10 29.90 -18.39
CA GLN B 119 42.22 29.93 -19.87
C GLN B 119 40.93 30.27 -20.63
N LYS B 120 39.76 29.84 -20.10
CA LYS B 120 38.48 30.18 -20.70
C LYS B 120 38.08 31.64 -20.47
N GLY B 121 38.87 32.41 -19.71
CA GLY B 121 38.53 33.79 -19.40
C GLY B 121 37.53 33.95 -18.25
N ASP B 122 37.34 32.91 -17.43
CA ASP B 122 36.35 32.95 -16.34
C ASP B 122 36.94 33.21 -14.94
N ILE B 123 38.27 33.24 -14.83
CA ILE B 123 38.94 33.78 -13.65
C ILE B 123 39.79 34.95 -14.10
N TYR B 124 39.51 36.12 -13.53
CA TYR B 124 40.32 37.29 -13.81
C TYR B 124 41.01 37.72 -12.52
N LEU B 125 42.22 38.25 -12.64
CA LEU B 125 42.92 38.85 -11.51
C LEU B 125 42.52 40.31 -11.42
N GLY B 126 42.11 40.74 -10.25
CA GLY B 126 41.66 42.12 -10.02
C GLY B 126 42.21 42.69 -8.75
N ARG B 127 42.24 44.01 -8.65
CA ARG B 127 42.63 44.71 -7.42
C ARG B 127 41.33 45.05 -6.72
N TYR B 128 41.15 44.57 -5.48
CA TYR B 128 39.98 44.90 -4.67
C TYR B 128 40.44 45.97 -3.68
N GLU B 129 39.70 47.07 -3.60
CA GLU B 129 39.98 48.15 -2.62
C GLU B 129 38.70 48.41 -1.82
N GLY B 130 38.71 48.14 -0.51
CA GLY B 130 37.49 48.30 0.32
C GLY B 130 37.71 47.97 1.79
N TRP B 131 36.61 47.88 2.54
CA TRP B 131 36.68 47.63 4.00
C TRP B 131 36.89 46.13 4.33
N TYR B 132 37.43 45.86 5.53
CA TYR B 132 37.97 44.53 5.89
C TYR B 132 36.92 43.46 6.20
N SER B 133 36.88 42.41 5.36
CA SER B 133 35.81 41.39 5.38
C SER B 133 36.26 40.01 5.97
N ILE B 134 36.82 40.06 7.19
CA ILE B 134 36.88 38.90 8.10
C ILE B 134 36.63 39.42 9.54
N SER B 135 35.37 39.40 9.99
CA SER B 135 34.99 39.96 11.30
C SER B 135 33.74 39.29 11.90
N VAL B 166 37.27 47.05 11.41
CA VAL B 166 36.98 48.29 10.69
C VAL B 166 38.32 48.85 10.14
N THR B 167 38.81 48.33 9.01
CA THR B 167 40.06 48.81 8.36
C THR B 167 39.99 48.74 6.82
N TRP B 168 40.64 49.69 6.16
CA TRP B 168 40.67 49.74 4.69
C TRP B 168 41.81 48.87 4.15
N VAL B 169 41.61 48.26 2.98
CA VAL B 169 42.56 47.31 2.36
C VAL B 169 42.66 47.47 0.83
N SER B 170 43.85 47.17 0.28
CA SER B 170 44.12 47.18 -1.17
C SER B 170 44.94 45.94 -1.58
N GLU B 171 44.25 44.86 -1.97
CA GLU B 171 44.88 43.58 -2.31
C GLU B 171 44.48 43.08 -3.70
N GLU B 172 45.36 42.31 -4.32
CA GLU B 172 45.01 41.62 -5.57
C GLU B 172 44.31 40.33 -5.20
N ASN B 173 43.17 40.08 -5.83
CA ASN B 173 42.37 38.89 -5.59
C ASN B 173 41.89 38.28 -6.91
N TYR B 174 41.80 36.94 -6.99
CA TYR B 174 41.17 36.27 -8.14
C TYR B 174 39.65 36.04 -8.01
N MET B 175 38.95 36.36 -9.09
CA MET B 175 37.49 36.36 -9.13
C MET B 175 37.04 35.40 -10.21
N PHE B 176 36.06 34.57 -9.86
CA PHE B 176 35.35 33.72 -10.82
C PHE B 176 34.09 34.45 -11.32
N ARG B 177 33.94 34.56 -12.64
CA ARG B 177 32.80 35.29 -13.25
C ARG B 177 31.43 34.58 -13.12
N LEU B 178 31.00 34.36 -11.88
CA LEU B 178 29.77 33.63 -11.62
C LEU B 178 28.53 34.28 -12.27
N SER B 179 28.50 35.61 -12.31
CA SER B 179 27.40 36.37 -12.92
C SER B 179 27.13 35.96 -14.38
N ALA B 180 28.17 35.57 -15.10
CA ALA B 180 28.04 35.14 -16.49
C ALA B 180 27.32 33.80 -16.69
N PHE B 181 27.08 33.05 -15.62
CA PHE B 181 26.50 31.72 -15.70
C PHE B 181 25.02 31.63 -15.30
N ARG B 182 24.41 32.77 -15.03
CA ARG B 182 23.01 32.84 -14.56
C ARG B 182 22.01 32.19 -15.53
N GLU B 183 21.99 32.64 -16.78
CA GLU B 183 21.07 32.05 -17.79
C GLU B 183 21.34 30.53 -17.95
N ARG B 184 22.60 30.14 -18.06
CA ARG B 184 22.93 28.70 -18.19
C ARG B 184 22.49 27.84 -16.98
N LEU B 185 22.56 28.40 -15.77
CA LEU B 185 22.17 27.65 -14.57
C LEU B 185 20.66 27.46 -14.54
N LEU B 186 19.95 28.53 -14.87
CA LEU B 186 18.51 28.50 -14.95
C LEU B 186 18.05 27.52 -16.03
N GLU B 187 18.72 27.49 -17.19
CA GLU B 187 18.46 26.45 -18.23
C GLU B 187 18.62 25.07 -17.64
N TRP B 188 19.71 24.85 -16.94
CA TRP B 188 20.00 23.55 -16.36
C TRP B 188 18.90 23.06 -15.40
N TYR B 189 18.47 23.95 -14.50
CA TYR B 189 17.44 23.59 -13.50
C TYR B 189 16.12 23.25 -14.19
N HIS B 190 15.73 24.08 -15.18
CA HIS B 190 14.46 23.91 -15.89
C HIS B 190 14.48 22.69 -16.79
N ALA B 191 15.61 22.43 -17.45
CA ALA B 191 15.75 21.22 -18.29
C ALA B 191 15.80 19.93 -17.51
N ASN B 192 16.25 19.97 -16.27
CA ASN B 192 16.40 18.77 -15.46
C ASN B 192 15.70 18.96 -14.11
N PRO B 193 14.36 18.97 -14.12
CA PRO B 193 13.58 19.32 -12.92
C PRO B 193 13.64 18.35 -11.75
N GLY B 194 14.34 17.22 -11.89
CA GLY B 194 14.70 16.36 -10.75
C GLY B 194 16.10 16.52 -10.19
N CYS B 195 16.85 17.51 -10.66
CA CYS B 195 18.29 17.59 -10.34
C CYS B 195 18.58 18.00 -8.90
N ILE B 196 17.60 18.60 -8.22
CA ILE B 196 17.77 19.01 -6.81
C ILE B 196 16.56 18.50 -6.04
N VAL B 197 16.83 17.79 -4.96
CA VAL B 197 15.82 17.13 -4.16
C VAL B 197 16.06 17.51 -2.70
N PRO B 198 15.00 17.72 -1.94
CA PRO B 198 13.64 17.63 -2.46
C PRO B 198 13.33 18.70 -3.49
N GLU B 199 12.05 18.95 -3.68
CA GLU B 199 11.58 19.94 -4.63
C GLU B 199 11.57 21.38 -4.08
N PHE B 200 11.25 21.57 -2.80
CA PHE B 200 11.23 22.94 -2.23
C PHE B 200 12.62 23.59 -2.17
N ARG B 201 13.66 22.77 -2.01
CA ARG B 201 15.04 23.25 -2.10
C ARG B 201 15.40 23.57 -3.54
N ARG B 202 14.93 22.78 -4.50
CA ARG B 202 15.10 23.14 -5.92
C ARG B 202 14.51 24.53 -6.19
N ARG B 203 13.30 24.77 -5.68
CA ARG B 203 12.63 26.06 -5.85
C ARG B 203 13.42 27.21 -5.18
N GLU B 204 14.00 26.96 -4.00
CA GLU B 204 14.84 27.95 -3.30
C GLU B 204 16.04 28.39 -4.14
N VAL B 205 16.77 27.41 -4.68
CA VAL B 205 17.93 27.70 -5.53
C VAL B 205 17.55 28.56 -6.74
N ILE B 206 16.46 28.20 -7.40
CA ILE B 206 16.02 28.88 -8.60
C ILE B 206 15.68 30.34 -8.28
N ARG B 207 14.92 30.58 -7.24
CA ARG B 207 14.61 31.95 -6.83
C ARG B 207 15.91 32.73 -6.67
N ALA B 208 16.85 32.18 -5.90
CA ALA B 208 18.15 32.83 -5.67
C ALA B 208 18.87 33.23 -6.97
N VAL B 209 18.97 32.30 -7.92
CA VAL B 209 19.67 32.55 -9.17
C VAL B 209 18.92 33.58 -10.04
N GLU B 210 17.59 33.53 -10.01
CA GLU B 210 16.74 34.55 -10.67
C GLU B 210 17.07 35.97 -10.21
N LYS B 211 17.11 36.17 -8.88
CA LYS B 211 17.48 37.46 -8.27
C LYS B 211 18.77 38.07 -8.85
N GLY B 212 19.75 37.23 -9.19
CA GLY B 212 21.01 37.67 -9.80
C GLY B 212 22.18 37.09 -9.03
N LEU B 213 23.31 36.95 -9.70
CA LEU B 213 24.50 36.33 -9.11
C LEU B 213 25.69 37.28 -9.13
N PRO B 214 26.30 37.58 -7.95
CA PRO B 214 27.57 38.31 -7.97
C PRO B 214 28.71 37.39 -8.42
N ASP B 215 29.78 37.97 -8.95
CA ASP B 215 31.03 37.20 -9.12
C ASP B 215 31.51 36.66 -7.77
N LEU B 216 32.43 35.70 -7.82
CA LEU B 216 32.81 34.95 -6.64
C LEU B 216 34.34 35.00 -6.46
N SER B 217 34.75 35.30 -5.23
CA SER B 217 36.17 35.30 -4.87
C SER B 217 36.68 33.88 -4.70
N VAL B 218 37.73 33.55 -5.44
CA VAL B 218 38.28 32.19 -5.41
C VAL B 218 39.73 32.09 -4.91
N SER B 219 40.32 33.22 -4.50
CA SER B 219 41.67 33.19 -3.89
C SER B 219 41.73 34.03 -2.63
N ARG B 220 42.71 33.75 -1.78
CA ARG B 220 43.10 34.62 -0.69
C ARG B 220 44.62 34.83 -0.76
N ALA B 221 45.10 35.92 -0.17
CA ALA B 221 46.52 36.16 0.01
C ALA B 221 47.07 35.04 0.91
N ARG B 222 48.26 34.51 0.59
CA ARG B 222 48.85 33.37 1.33
C ARG B 222 49.03 33.63 2.84
N ALA B 223 49.39 34.85 3.20
CA ALA B 223 49.54 35.25 4.60
C ALA B 223 48.24 35.03 5.40
N THR B 224 47.09 35.42 4.83
CA THR B 224 45.79 35.38 5.55
C THR B 224 45.24 33.97 5.80
N LEU B 225 45.78 32.97 5.08
CA LEU B 225 45.53 31.52 5.33
C LEU B 225 46.63 30.75 6.12
N HIS B 226 47.62 31.45 6.64
CA HIS B 226 48.78 30.86 7.33
C HIS B 226 49.47 29.82 6.45
N ASN B 227 49.48 30.11 5.15
CA ASN B 227 50.07 29.24 4.14
C ASN B 227 49.59 27.79 4.12
N TRP B 228 48.37 27.57 4.62
CA TRP B 228 47.81 26.25 4.72
C TRP B 228 46.65 26.15 3.71
N ALA B 229 47.04 25.99 2.46
CA ALA B 229 46.13 25.97 1.32
C ALA B 229 46.94 25.62 0.06
N ILE B 230 46.26 25.51 -1.08
CA ILE B 230 46.91 25.18 -2.33
C ILE B 230 47.31 26.48 -3.06
N PRO B 231 48.62 26.63 -3.44
CA PRO B 231 49.06 27.79 -4.23
C PRO B 231 48.35 27.93 -5.56
N VAL B 232 48.00 29.15 -5.92
CA VAL B 232 47.43 29.43 -7.22
C VAL B 232 48.53 29.18 -8.27
N PRO B 233 48.24 28.41 -9.33
CA PRO B 233 49.18 28.23 -10.45
C PRO B 233 49.76 29.53 -11.00
N GLY B 234 51.09 29.61 -11.03
CA GLY B 234 51.81 30.77 -11.56
C GLY B 234 51.73 32.04 -10.73
N ASN B 235 51.33 31.92 -9.46
CA ASN B 235 51.25 33.07 -8.57
C ASN B 235 51.28 32.57 -7.12
N PRO B 236 52.50 32.29 -6.60
CA PRO B 236 52.68 31.78 -5.25
C PRO B 236 52.20 32.66 -4.11
N ASP B 237 51.98 33.96 -4.35
CA ASP B 237 51.45 34.88 -3.33
C ASP B 237 49.99 34.60 -2.94
N HIS B 238 49.26 33.87 -3.79
CA HIS B 238 47.85 33.57 -3.57
C HIS B 238 47.56 32.10 -3.41
N CYS B 239 46.55 31.83 -2.60
CA CYS B 239 46.10 30.49 -2.33
C CYS B 239 44.70 30.30 -2.93
N VAL B 240 44.41 29.07 -3.35
CA VAL B 240 43.08 28.71 -3.85
C VAL B 240 42.12 28.65 -2.66
N TYR B 241 41.01 29.38 -2.75
CA TYR B 241 40.08 29.41 -1.63
C TYR B 241 39.21 28.09 -1.51
N VAL B 242 38.29 28.04 -0.56
CA VAL B 242 37.52 26.84 -0.28
C VAL B 242 36.67 26.34 -1.45
N TRP B 243 36.18 27.24 -2.27
CA TRP B 243 35.18 26.85 -3.21
C TRP B 243 35.84 25.86 -4.18
N LEU B 244 36.91 26.29 -4.86
CA LEU B 244 37.54 25.45 -5.86
C LEU B 244 38.21 24.22 -5.23
N ASP B 245 38.83 24.37 -4.05
CA ASP B 245 39.52 23.24 -3.42
C ASP B 245 38.57 22.11 -3.01
N ALA B 246 37.56 22.43 -2.21
CA ALA B 246 36.74 21.39 -1.58
C ALA B 246 35.77 20.70 -2.56
N LEU B 247 35.05 21.49 -3.36
CA LEU B 247 34.16 20.95 -4.38
C LEU B 247 34.88 20.04 -5.38
N THR B 248 36.12 20.38 -5.70
CA THR B 248 36.88 19.61 -6.68
C THR B 248 37.16 18.16 -6.24
N ASN B 249 36.98 17.86 -4.94
CA ASN B 249 37.25 16.50 -4.45
C ASN B 249 36.47 15.46 -5.22
N TYR B 250 35.27 15.83 -5.67
CA TYR B 250 34.39 14.91 -6.41
C TYR B 250 35.02 14.55 -7.74
N LEU B 251 35.64 15.54 -8.38
CA LEU B 251 36.41 15.34 -9.62
C LEU B 251 37.68 14.51 -9.39
N THR B 252 38.45 14.89 -8.37
CA THR B 252 39.61 14.09 -7.97
C THR B 252 39.24 12.61 -7.72
N GLY B 253 38.26 12.37 -6.85
CA GLY B 253 37.84 11.00 -6.51
C GLY B 253 37.41 10.18 -7.71
N SER B 254 36.78 10.86 -8.68
CA SER B 254 36.37 10.22 -9.92
C SER B 254 37.54 9.70 -10.77
N ARG B 255 38.75 10.17 -10.50
CA ARG B 255 39.94 9.84 -11.30
C ARG B 255 41.00 8.99 -10.60
N LEU B 256 40.74 8.57 -9.35
CA LEU B 256 41.72 7.79 -8.57
C LEU B 256 41.49 6.30 -8.66
N ARG B 257 42.43 5.56 -9.26
CA ARG B 257 42.44 4.11 -9.14
C ARG B 257 42.80 3.74 -7.69
N VAL B 258 42.10 2.73 -7.14
CA VAL B 258 42.22 2.37 -5.71
C VAL B 258 42.49 0.86 -5.54
N ASP B 259 43.45 0.50 -4.68
CA ASP B 259 43.76 -0.92 -4.40
C ASP B 259 42.76 -1.59 -3.43
N GLU B 260 42.92 -2.91 -3.24
CA GLU B 260 42.03 -3.72 -2.37
C GLU B 260 41.98 -3.26 -0.90
N SER B 261 43.07 -2.66 -0.41
CA SER B 261 43.13 -2.16 0.98
C SER B 261 42.59 -0.75 1.19
N GLY B 262 42.33 0.00 0.10
CA GLY B 262 41.69 1.34 0.17
C GLY B 262 42.59 2.56 -0.07
N LYS B 263 43.91 2.36 -0.18
CA LYS B 263 44.85 3.44 -0.50
C LYS B 263 44.80 3.79 -1.99
N GLU B 264 44.95 5.07 -2.30
CA GLU B 264 45.01 5.57 -3.70
C GLU B 264 46.32 5.12 -4.35
N VAL B 265 46.25 4.87 -5.64
CA VAL B 265 47.37 4.24 -6.36
C VAL B 265 47.82 5.05 -7.60
N SER B 266 46.89 5.75 -8.24
CA SER B 266 47.16 6.37 -9.53
C SER B 266 46.03 7.38 -9.84
N LEU B 267 46.36 8.42 -10.60
CA LEU B 267 45.40 9.44 -10.99
C LEU B 267 45.32 9.47 -12.49
N VAL B 268 44.21 9.00 -13.06
CA VAL B 268 44.05 9.02 -14.51
C VAL B 268 43.91 10.45 -15.07
N ASP B 269 44.31 10.65 -16.32
CA ASP B 269 44.24 11.97 -16.98
C ASP B 269 42.83 12.35 -17.39
N ASP B 270 42.10 11.37 -17.93
CA ASP B 270 40.76 11.57 -18.45
C ASP B 270 39.76 10.82 -17.56
N PHE B 271 38.79 11.55 -17.01
CA PHE B 271 37.77 10.98 -16.13
C PHE B 271 36.99 9.80 -16.73
N ASN B 272 36.77 9.81 -18.04
CA ASN B 272 36.06 8.71 -18.70
C ASN B 272 36.73 7.33 -18.58
N GLU B 273 38.03 7.28 -18.31
CA GLU B 273 38.69 6.00 -18.02
C GLU B 273 37.95 5.17 -16.97
N LEU B 274 37.58 5.81 -15.86
CA LEU B 274 36.96 5.12 -14.73
C LEU B 274 35.43 5.14 -14.72
N GLU B 275 34.81 5.88 -15.65
CA GLU B 275 33.35 5.89 -15.85
C GLU B 275 32.55 6.31 -14.61
N ARG B 276 33.12 7.17 -13.78
CA ARG B 276 32.45 7.63 -12.56
C ARG B 276 31.87 9.02 -12.70
N PHE B 277 32.63 9.95 -13.26
CA PHE B 277 32.20 11.33 -13.33
C PHE B 277 31.12 11.45 -14.45
N PRO B 278 30.10 12.26 -14.23
CA PRO B 278 29.96 13.00 -12.98
C PRO B 278 29.20 12.17 -11.96
N ALA B 279 28.91 12.77 -10.81
CA ALA B 279 28.18 12.10 -9.74
C ALA B 279 26.75 11.85 -10.16
N ASP B 280 26.29 10.64 -9.89
CA ASP B 280 24.88 10.31 -10.04
C ASP B 280 24.08 10.90 -8.88
N VAL B 281 24.66 10.88 -7.67
CA VAL B 281 24.04 11.53 -6.50
C VAL B 281 25.11 12.21 -5.61
N HIS B 282 24.93 13.50 -5.33
CA HIS B 282 25.68 14.20 -4.27
C HIS B 282 24.78 14.31 -3.07
N VAL B 283 25.11 13.61 -1.98
CA VAL B 283 24.41 13.79 -0.70
C VAL B 283 25.01 14.98 0.05
N ILE B 284 24.19 15.93 0.48
CA ILE B 284 24.67 17.08 1.26
C ILE B 284 23.68 17.50 2.31
N GLY B 285 24.16 18.25 3.30
CA GLY B 285 23.26 18.97 4.19
C GLY B 285 22.74 20.23 3.52
N LYS B 286 21.65 20.75 4.07
CA LYS B 286 21.03 21.99 3.55
C LYS B 286 21.95 23.19 3.67
N ASP B 287 22.77 23.20 4.71
CA ASP B 287 23.79 24.24 4.93
C ASP B 287 24.70 24.57 3.73
N ILE B 288 24.97 23.57 2.87
CA ILE B 288 25.92 23.77 1.76
C ILE B 288 25.28 23.63 0.36
N LEU B 289 23.98 23.89 0.27
CA LEU B 289 23.24 23.76 -0.98
C LEU B 289 23.69 24.74 -2.05
N LYS B 290 23.87 26.01 -1.66
CA LYS B 290 24.26 27.05 -2.60
C LYS B 290 25.56 26.67 -3.33
N PHE B 291 26.50 26.05 -2.63
CA PHE B 291 27.80 25.72 -3.19
C PHE B 291 27.73 24.58 -4.19
N HIS B 292 26.86 23.62 -3.91
CA HIS B 292 26.69 22.46 -4.78
C HIS B 292 25.77 22.70 -5.99
N ALA B 293 24.78 23.57 -5.82
CA ALA B 293 23.79 23.81 -6.88
C ALA B 293 24.04 25.07 -7.71
N ILE B 294 24.87 25.98 -7.22
CA ILE B 294 25.18 27.22 -7.94
C ILE B 294 26.66 27.24 -8.36
N TYR B 295 27.58 27.27 -7.39
CA TYR B 295 29.02 27.38 -7.70
C TYR B 295 29.56 26.21 -8.51
N TRP B 296 29.37 25.01 -7.97
CA TRP B 296 29.88 23.77 -8.55
C TRP B 296 29.46 23.57 -10.00
N PRO B 297 28.16 23.67 -10.31
CA PRO B 297 27.81 23.54 -11.72
C PRO B 297 28.40 24.66 -12.62
N ALA B 298 28.49 25.88 -12.10
CA ALA B 298 29.07 26.99 -12.85
C ALA B 298 30.54 26.71 -13.18
N PHE B 299 31.32 26.19 -12.23
CA PHE B 299 32.70 25.75 -12.50
C PHE B 299 32.75 24.68 -13.59
N LEU B 300 31.83 23.71 -13.51
CA LEU B 300 31.78 22.60 -14.47
C LEU B 300 31.37 23.07 -15.86
N LEU B 301 30.45 24.03 -15.91
CA LEU B 301 30.09 24.70 -17.17
C LEU B 301 31.26 25.49 -17.79
N SER B 302 31.99 26.21 -16.96
CA SER B 302 33.21 26.91 -17.40
C SER B 302 34.22 25.94 -17.96
N ALA B 303 34.37 24.79 -17.32
CA ALA B 303 35.40 23.81 -17.73
C ALA B 303 34.98 22.87 -18.86
N GLY B 304 33.73 23.00 -19.32
CA GLY B 304 33.14 22.04 -20.24
C GLY B 304 33.11 20.61 -19.72
N LEU B 305 32.77 20.45 -18.45
CA LEU B 305 32.69 19.14 -17.81
C LEU B 305 31.22 18.78 -17.61
N PRO B 306 30.88 17.48 -17.65
CA PRO B 306 29.48 17.09 -17.44
C PRO B 306 28.99 17.43 -16.04
N LEU B 307 27.70 17.72 -15.94
CA LEU B 307 27.09 18.14 -14.68
C LEU B 307 26.52 16.93 -13.92
N PRO B 308 26.45 17.00 -12.58
CA PRO B 308 25.87 15.91 -11.82
C PRO B 308 24.38 15.69 -12.10
N LYS B 309 23.90 14.46 -11.89
CA LYS B 309 22.47 14.12 -12.14
C LYS B 309 21.53 14.59 -11.02
N LYS B 310 21.95 14.41 -9.75
CA LYS B 310 21.13 14.76 -8.58
C LYS B 310 21.96 15.27 -7.42
N ILE B 311 21.42 16.29 -6.76
CA ILE B 311 21.91 16.79 -5.47
C ILE B 311 20.76 16.59 -4.47
N VAL B 312 21.02 15.87 -3.38
CA VAL B 312 20.02 15.58 -2.36
C VAL B 312 20.45 16.30 -1.11
N ALA B 313 19.65 17.25 -0.68
CA ALA B 313 19.98 18.08 0.48
C ALA B 313 19.04 17.71 1.60
N HIS B 314 19.60 17.13 2.65
CA HIS B 314 18.80 16.70 3.81
C HIS B 314 18.78 17.81 4.89
N GLY B 315 18.19 17.52 6.05
CA GLY B 315 18.05 18.46 7.18
C GLY B 315 19.01 18.19 8.34
N TRP B 316 18.87 19.02 9.38
CA TRP B 316 19.64 18.88 10.62
C TRP B 316 18.87 18.10 11.70
N TRP B 317 19.59 17.34 12.54
CA TRP B 317 18.99 16.63 13.68
C TRP B 317 18.92 17.41 15.00
N THR B 318 17.91 17.09 15.81
CA THR B 318 17.82 17.49 17.22
C THR B 318 17.61 16.24 18.11
N LYS B 319 17.70 16.43 19.43
CA LYS B 319 17.41 15.36 20.41
C LYS B 319 16.48 15.91 21.50
N ASP B 320 15.32 15.26 21.66
CA ASP B 320 14.28 15.70 22.60
C ASP B 320 13.86 17.14 22.34
N ARG B 321 13.69 17.46 21.06
CA ARG B 321 13.27 18.78 20.57
C ARG B 321 14.19 19.96 20.96
N LYS B 322 15.47 19.69 21.23
CA LYS B 322 16.45 20.72 21.63
C LYS B 322 17.76 20.57 20.83
N LYS B 323 18.43 21.71 20.54
CA LYS B 323 19.72 21.72 19.81
C LYS B 323 20.69 20.70 20.45
N ILE B 324 21.37 19.93 19.61
CA ILE B 324 22.39 18.99 20.09
C ILE B 324 23.68 19.77 20.32
N SER B 325 24.14 19.82 21.57
CA SER B 325 25.38 20.54 21.93
C SER B 325 25.99 19.95 23.21
N LYS B 326 27.30 19.70 23.22
CA LYS B 326 27.98 19.21 24.43
C LYS B 326 28.06 20.33 25.50
N SER B 327 28.34 21.56 25.08
CA SER B 327 28.39 22.72 25.98
C SER B 327 27.01 23.16 26.52
N LEU B 328 25.94 23.01 25.72
CA LEU B 328 24.56 23.29 26.18
C LEU B 328 23.88 22.05 26.83
N GLY B 329 24.63 20.97 27.07
CA GLY B 329 24.17 19.84 27.89
C GLY B 329 23.09 18.98 27.25
N ASN B 330 23.36 18.51 26.04
CA ASN B 330 22.45 17.63 25.28
C ASN B 330 23.22 16.88 24.17
N VAL B 331 23.86 15.78 24.55
CA VAL B 331 24.69 14.99 23.66
C VAL B 331 23.83 13.99 22.87
N PHE B 332 24.21 13.79 21.60
CA PHE B 332 23.71 12.64 20.82
C PHE B 332 24.86 11.95 20.09
N ASP B 333 25.34 10.85 20.68
CA ASP B 333 26.48 10.10 20.17
C ASP B 333 25.99 8.85 19.42
N PRO B 334 26.16 8.82 18.08
CA PRO B 334 25.74 7.65 17.30
C PRO B 334 26.28 6.32 17.81
N VAL B 335 27.57 6.26 18.08
CA VAL B 335 28.21 4.99 18.42
C VAL B 335 27.71 4.51 19.78
N GLU B 336 27.42 5.44 20.69
CA GLU B 336 26.88 5.10 22.01
C GLU B 336 25.52 4.43 21.83
N LYS B 337 24.65 5.04 21.04
CA LYS B 337 23.29 4.51 20.85
C LYS B 337 23.25 3.20 20.06
N ALA B 338 24.08 3.10 19.04
CA ALA B 338 24.22 1.85 18.30
C ALA B 338 24.71 0.69 19.18
N GLU B 339 25.62 0.99 20.12
CA GLU B 339 26.06 -0.02 21.11
C GLU B 339 24.92 -0.46 22.05
N GLU B 340 23.99 0.46 22.35
CA GLU B 340 22.83 0.16 23.19
C GLU B 340 21.68 -0.56 22.45
N PHE B 341 21.29 -0.03 21.29
CA PHE B 341 20.11 -0.54 20.56
C PHE B 341 20.44 -1.45 19.36
N GLY B 342 21.70 -1.46 18.92
CA GLY B 342 22.13 -2.16 17.68
C GLY B 342 22.45 -1.18 16.55
N TYR B 343 23.43 -1.53 15.72
CA TYR B 343 23.84 -0.66 14.61
C TYR B 343 22.75 -0.52 13.52
N ASP B 344 22.40 -1.64 12.89
CA ASP B 344 21.32 -1.67 11.91
C ASP B 344 20.04 -0.98 12.42
N ALA B 345 19.70 -1.20 13.68
CA ALA B 345 18.49 -0.61 14.26
C ALA B 345 18.54 0.94 14.30
N LEU B 346 19.70 1.49 14.70
CA LEU B 346 19.89 2.93 14.72
C LEU B 346 19.82 3.49 13.31
N LYS B 347 20.48 2.81 12.37
CA LYS B 347 20.43 3.22 10.96
C LYS B 347 19.00 3.22 10.42
N TYR B 348 18.25 2.17 10.73
CA TYR B 348 16.84 2.08 10.40
C TYR B 348 16.10 3.30 10.95
N PHE B 349 16.35 3.63 12.21
CA PHE B 349 15.65 4.75 12.83
C PHE B 349 15.94 6.11 12.18
N LEU B 350 17.22 6.42 11.97
CA LEU B 350 17.62 7.70 11.39
C LEU B 350 17.01 7.90 9.99
N LEU B 351 16.94 6.80 9.22
CA LEU B 351 16.41 6.82 7.85
C LEU B 351 14.88 6.75 7.79
N ARG B 352 14.25 6.17 8.81
CA ARG B 352 12.79 6.00 8.84
C ARG B 352 12.08 7.19 9.49
N GLU B 353 12.70 7.76 10.52
CA GLU B 353 12.03 8.80 11.31
C GLU B 353 11.80 10.12 10.56
N SER B 354 12.73 10.49 9.68
CA SER B 354 12.60 11.77 9.01
C SER B 354 12.77 11.70 7.50
N GLY B 355 12.10 12.63 6.82
CA GLY B 355 12.32 12.81 5.40
C GLY B 355 13.54 13.70 5.21
N PHE B 356 13.92 13.94 3.95
CA PHE B 356 14.98 14.89 3.66
C PHE B 356 14.47 16.32 3.76
N SER B 357 13.16 16.48 3.65
CA SER B 357 12.50 17.78 3.90
C SER B 357 12.54 18.24 5.35
N ASP B 358 12.85 17.33 6.27
CA ASP B 358 12.57 17.52 7.69
C ASP B 358 13.85 17.57 8.52
N ASP B 359 13.84 18.47 9.51
CA ASP B 359 14.77 18.38 10.60
C ASP B 359 14.31 17.23 11.50
N GLY B 360 15.02 16.10 11.44
CA GLY B 360 14.68 14.96 12.31
C GLY B 360 14.80 15.19 13.81
N ASP B 361 13.95 14.51 14.59
CA ASP B 361 14.07 14.44 16.07
C ASP B 361 14.26 13.01 16.65
N TYR B 362 15.44 12.77 17.23
CA TYR B 362 15.70 11.56 18.04
C TYR B 362 15.25 11.68 19.53
N SER B 363 14.58 10.65 20.03
CA SER B 363 14.43 10.37 21.46
C SER B 363 14.55 8.86 21.69
N ASP B 364 14.79 8.46 22.93
CA ASP B 364 14.73 7.05 23.32
C ASP B 364 13.31 6.47 23.29
N LYS B 365 12.30 7.29 23.62
CA LYS B 365 10.90 6.84 23.53
C LYS B 365 10.62 6.33 22.10
N ASN B 366 10.94 7.16 21.11
CA ASN B 366 10.59 6.88 19.71
C ASN B 366 11.50 5.81 19.06
N MET B 367 12.78 5.83 19.40
CA MET B 367 13.70 4.77 18.98
C MET B 367 13.20 3.38 19.40
N ILE B 368 12.70 3.28 20.64
CA ILE B 368 12.17 2.03 21.19
C ILE B 368 10.84 1.64 20.54
N ALA B 369 9.99 2.65 20.33
CA ALA B 369 8.71 2.44 19.64
C ALA B 369 8.91 1.73 18.30
N ARG B 370 9.84 2.25 17.48
CA ARG B 370 10.12 1.68 16.17
C ARG B 370 10.90 0.38 16.23
N LEU B 371 11.85 0.29 17.16
CA LEU B 371 12.56 -0.97 17.39
C LEU B 371 11.56 -2.09 17.71
N ASN B 372 10.67 -1.82 18.66
CA ASN B 372 9.69 -2.83 19.09
C ASN B 372 8.57 -3.06 18.08
N GLY B 373 7.97 -1.97 17.59
CA GLY B 373 6.85 -2.05 16.64
C GLY B 373 7.19 -2.61 15.27
N GLU B 374 8.11 -1.95 14.57
CA GLU B 374 8.44 -2.33 13.19
C GLU B 374 9.45 -3.46 13.15
N LEU B 375 10.62 -3.28 13.76
CA LEU B 375 11.71 -4.25 13.58
C LEU B 375 11.46 -5.61 14.25
N ALA B 376 10.93 -5.59 15.47
CA ALA B 376 10.65 -6.83 16.21
C ALA B 376 9.30 -7.44 15.87
N ASP B 377 8.23 -6.66 16.06
CA ASP B 377 6.86 -7.16 15.84
C ASP B 377 6.50 -7.41 14.38
N THR B 378 6.96 -6.56 13.45
CA THR B 378 6.58 -6.75 12.05
C THR B 378 7.56 -7.64 11.34
N LEU B 379 8.85 -7.27 11.35
CA LEU B 379 9.85 -8.02 10.59
C LEU B 379 10.31 -9.27 11.34
N GLY B 380 10.77 -9.07 12.58
CA GLY B 380 11.31 -10.15 13.39
C GLY B 380 10.36 -11.32 13.60
N ASN B 381 9.20 -11.02 14.18
CA ASN B 381 8.08 -11.99 14.33
C ASN B 381 7.78 -12.81 13.08
N LEU B 382 7.79 -12.14 11.93
CA LEU B 382 7.47 -12.79 10.66
C LEU B 382 8.55 -13.78 10.19
N VAL B 383 9.81 -13.43 10.45
CA VAL B 383 10.93 -14.32 10.15
C VAL B 383 10.87 -15.59 11.01
N MET B 384 10.51 -15.42 12.27
CA MET B 384 10.40 -16.55 13.20
C MET B 384 9.24 -17.47 12.81
N ARG B 385 8.09 -16.90 12.42
CA ARG B 385 6.92 -17.70 12.04
C ARG B 385 7.19 -18.63 10.86
N CYS B 386 7.81 -18.12 9.81
CA CYS B 386 8.02 -18.93 8.60
C CYS B 386 9.18 -19.95 8.69
N THR B 387 10.04 -19.80 9.71
CA THR B 387 11.16 -20.71 9.95
C THR B 387 10.95 -21.64 11.15
N SER B 388 10.03 -21.29 12.05
CA SER B 388 9.64 -22.10 13.22
C SER B 388 9.49 -23.59 12.89
N ALA B 389 9.99 -24.45 13.76
CA ALA B 389 9.86 -25.90 13.58
C ALA B 389 8.41 -26.38 13.78
N LYS B 390 7.65 -25.69 14.63
CA LYS B 390 6.19 -25.91 14.76
C LYS B 390 5.43 -25.76 13.43
N ILE B 391 5.73 -24.70 12.68
CA ILE B 391 4.99 -24.37 11.45
C ILE B 391 5.68 -24.95 10.21
N ASN B 392 6.95 -24.65 10.03
CA ASN B 392 7.76 -25.21 8.92
C ASN B 392 8.43 -26.48 9.43
N VAL B 393 7.69 -27.59 9.41
CA VAL B 393 8.15 -28.83 10.06
C VAL B 393 9.31 -29.52 9.33
N ASN B 394 9.32 -29.46 8.01
CA ASN B 394 10.43 -30.06 7.24
C ASN B 394 11.68 -29.19 7.14
N GLY B 395 11.61 -27.93 7.60
CA GLY B 395 12.74 -27.01 7.54
C GLY B 395 13.19 -26.76 6.12
N GLU B 396 12.23 -26.48 5.23
CA GLU B 396 12.54 -26.20 3.82
C GLU B 396 11.51 -25.24 3.22
N TRP B 397 11.80 -24.79 2.01
CA TRP B 397 10.85 -24.05 1.21
C TRP B 397 9.95 -25.07 0.53
N PRO B 398 8.64 -25.07 0.86
CA PRO B 398 7.74 -26.04 0.21
C PRO B 398 7.32 -25.58 -1.18
N SER B 399 6.87 -26.55 -1.98
CA SER B 399 6.32 -26.28 -3.30
C SER B 399 4.85 -25.86 -3.12
N PRO B 400 4.42 -24.71 -3.68
CA PRO B 400 3.07 -24.26 -3.40
C PRO B 400 2.07 -25.10 -4.16
N ALA B 401 0.85 -25.18 -3.63
CA ALA B 401 -0.29 -25.80 -4.31
C ALA B 401 -0.97 -24.73 -5.18
N ALA B 402 -2.28 -24.87 -5.42
CA ALA B 402 -3.00 -23.86 -6.20
C ALA B 402 -3.25 -22.61 -5.36
N TYR B 403 -3.22 -21.46 -6.03
CA TYR B 403 -3.33 -20.16 -5.37
C TYR B 403 -4.77 -19.67 -5.35
N THR B 404 -5.27 -19.28 -4.19
CA THR B 404 -6.56 -18.62 -4.09
C THR B 404 -6.43 -17.15 -4.49
N GLU B 405 -7.56 -16.45 -4.60
CA GLU B 405 -7.55 -15.02 -4.92
C GLU B 405 -6.92 -14.16 -3.82
N GLU B 406 -7.03 -14.59 -2.56
CA GLU B 406 -6.34 -13.92 -1.46
C GLU B 406 -4.80 -14.11 -1.55
N ASP B 407 -4.38 -15.33 -1.85
CA ASP B 407 -2.99 -15.62 -2.15
C ASP B 407 -2.48 -14.72 -3.26
N GLU B 408 -3.25 -14.63 -4.34
CA GLU B 408 -2.88 -13.83 -5.51
C GLU B 408 -2.79 -12.33 -5.19
N SER B 409 -3.58 -11.85 -4.22
CA SER B 409 -3.52 -10.42 -3.87
C SER B 409 -2.20 -10.10 -3.16
N LEU B 410 -1.76 -10.97 -2.27
CA LEU B 410 -0.49 -10.78 -1.58
C LEU B 410 0.69 -10.92 -2.55
N ILE B 411 0.63 -11.96 -3.38
CA ILE B 411 1.65 -12.19 -4.42
C ILE B 411 1.80 -10.95 -5.32
N GLN B 412 0.71 -10.28 -5.60
CA GLN B 412 0.75 -9.06 -6.41
C GLN B 412 1.53 -7.95 -5.72
N LEU B 413 1.31 -7.79 -4.42
CA LEU B 413 2.02 -6.76 -3.65
C LEU B 413 3.52 -7.01 -3.70
N ILE B 414 3.89 -8.27 -3.53
CA ILE B 414 5.29 -8.66 -3.50
C ILE B 414 5.95 -8.42 -4.85
N LYS B 415 5.23 -8.74 -5.94
CA LYS B 415 5.74 -8.49 -7.28
C LYS B 415 5.92 -7.00 -7.61
N ASP B 416 5.01 -6.18 -7.11
CA ASP B 416 5.03 -4.74 -7.39
C ASP B 416 6.08 -4.00 -6.58
N LEU B 417 6.47 -4.57 -5.42
CA LEU B 417 7.34 -3.90 -4.47
C LEU B 417 8.69 -3.43 -5.05
N PRO B 418 9.44 -4.33 -5.73
CA PRO B 418 10.74 -3.95 -6.28
C PRO B 418 10.74 -2.70 -7.14
N GLY B 419 9.79 -2.59 -8.05
CA GLY B 419 9.68 -1.42 -8.92
C GLY B 419 9.32 -0.15 -8.17
N THR B 420 8.48 -0.29 -7.14
CA THR B 420 8.07 0.82 -6.30
C THR B 420 9.27 1.30 -5.48
N ALA B 421 9.92 0.36 -4.81
CA ALA B 421 11.08 0.69 -4.01
C ALA B 421 12.22 1.25 -4.86
N ASP B 422 12.40 0.72 -6.07
CA ASP B 422 13.43 1.21 -6.97
C ASP B 422 13.23 2.68 -7.27
N HIS B 423 12.01 3.06 -7.63
CA HIS B 423 11.71 4.48 -7.90
C HIS B 423 12.07 5.37 -6.69
N TYR B 424 11.71 4.90 -5.50
CA TYR B 424 11.98 5.65 -4.28
C TYR B 424 13.48 5.75 -4.00
N TYR B 425 14.20 4.64 -4.14
CA TYR B 425 15.65 4.67 -3.94
C TYR B 425 16.32 5.60 -4.93
N LEU B 426 15.78 5.72 -6.15
CA LEU B 426 16.39 6.57 -7.17
C LEU B 426 16.08 8.04 -7.07
N ILE B 427 15.05 8.42 -6.32
CA ILE B 427 14.67 9.85 -6.20
C ILE B 427 15.80 10.77 -5.71
N PRO B 428 16.45 10.47 -4.58
CA PRO B 428 16.16 9.31 -3.75
C PRO B 428 15.44 9.77 -2.48
N ASP B 429 14.51 8.94 -2.03
CA ASP B 429 13.67 9.18 -0.84
C ASP B 429 13.70 7.86 -0.10
N ILE B 430 14.70 7.69 0.76
CA ILE B 430 14.92 6.43 1.45
C ILE B 430 13.77 6.13 2.45
N GLN B 431 13.23 7.16 3.09
CA GLN B 431 12.11 7.00 4.01
C GLN B 431 10.92 6.33 3.35
N LYS B 432 10.62 6.79 2.13
CA LYS B 432 9.49 6.25 1.35
C LYS B 432 9.75 4.81 0.88
N ALA B 433 11.00 4.47 0.60
CA ALA B 433 11.34 3.11 0.20
C ALA B 433 11.15 2.16 1.37
N ILE B 434 11.48 2.61 2.57
CA ILE B 434 11.28 1.78 3.77
C ILE B 434 9.79 1.56 4.00
N ILE B 435 9.04 2.67 3.98
CA ILE B 435 7.61 2.63 4.22
C ILE B 435 6.95 1.62 3.27
N ALA B 436 7.35 1.64 2.00
CA ALA B 436 6.79 0.73 0.99
C ALA B 436 7.06 -0.74 1.29
N VAL B 437 8.27 -1.05 1.74
CA VAL B 437 8.63 -2.41 2.10
C VAL B 437 7.82 -2.85 3.30
N PHE B 438 7.66 -1.96 4.27
CA PHE B 438 6.98 -2.33 5.50
C PHE B 438 5.49 -2.47 5.32
N ASP B 439 4.90 -1.69 4.40
CA ASP B 439 3.51 -1.90 3.99
C ASP B 439 3.33 -3.34 3.57
N VAL B 440 4.27 -3.86 2.78
CA VAL B 440 4.18 -5.26 2.34
C VAL B 440 4.42 -6.20 3.51
N LEU B 441 5.37 -5.89 4.38
CA LEU B 441 5.57 -6.73 5.57
C LEU B 441 4.29 -6.80 6.43
N ARG B 442 3.61 -5.67 6.63
CA ARG B 442 2.34 -5.67 7.34
C ARG B 442 1.30 -6.56 6.64
N ALA B 443 1.13 -6.38 5.34
CA ALA B 443 0.25 -7.24 4.53
C ALA B 443 0.56 -8.74 4.66
N ILE B 444 1.84 -9.10 4.72
CA ILE B 444 2.22 -10.50 4.86
C ILE B 444 1.83 -11.02 6.25
N ASN B 445 2.01 -10.19 7.28
CA ASN B 445 1.57 -10.55 8.63
C ASN B 445 0.07 -10.77 8.70
N ALA B 446 -0.67 -9.82 8.12
CA ALA B 446 -2.13 -9.93 8.06
C ALA B 446 -2.58 -11.25 7.43
N TYR B 447 -1.97 -11.59 6.30
CA TYR B 447 -2.21 -12.84 5.60
C TYR B 447 -1.92 -14.08 6.45
N VAL B 448 -0.83 -14.06 7.20
CA VAL B 448 -0.44 -15.17 8.07
C VAL B 448 -1.46 -15.37 9.21
N THR B 449 -1.85 -14.27 9.85
CA THR B 449 -2.90 -14.29 10.86
C THR B 449 -4.22 -14.87 10.32
N ASP B 450 -4.61 -14.48 9.10
CA ASP B 450 -5.83 -15.01 8.48
C ASP B 450 -5.73 -16.49 8.20
N MET B 451 -4.63 -16.93 7.59
CA MET B 451 -4.45 -18.34 7.23
C MET B 451 -4.11 -19.21 8.41
N ALA B 452 -3.62 -18.61 9.51
CA ALA B 452 -3.26 -19.31 10.73
C ALA B 452 -2.51 -20.64 10.45
N PRO B 453 -1.28 -20.55 9.90
CA PRO B 453 -0.62 -21.76 9.42
C PRO B 453 -0.30 -22.79 10.50
N TRP B 454 -0.14 -22.33 11.74
CA TRP B 454 -0.04 -23.20 12.92
C TRP B 454 -1.17 -24.24 13.06
N LYS B 455 -2.42 -23.81 12.85
CA LYS B 455 -3.56 -24.75 12.76
C LYS B 455 -3.48 -25.67 11.53
N LEU B 456 -3.11 -25.09 10.38
CA LEU B 456 -3.01 -25.83 9.12
C LEU B 456 -2.03 -27.01 9.14
N VAL B 457 -1.10 -27.05 10.09
CA VAL B 457 -0.14 -28.17 10.17
C VAL B 457 -0.86 -29.47 10.49
N LYS B 458 -1.80 -29.41 11.44
CA LYS B 458 -2.66 -30.55 11.79
C LYS B 458 -3.70 -30.80 10.68
N THR B 459 -4.48 -29.78 10.35
CA THR B 459 -5.73 -29.98 9.58
C THR B 459 -5.55 -30.13 8.07
N ASP B 460 -4.86 -29.19 7.42
CA ASP B 460 -4.74 -29.15 5.94
C ASP B 460 -3.28 -28.87 5.47
N PRO B 461 -2.47 -29.93 5.33
CA PRO B 461 -1.06 -29.79 4.91
C PRO B 461 -0.79 -29.25 3.50
N GLU B 462 -1.60 -29.65 2.52
CA GLU B 462 -1.46 -29.15 1.16
C GLU B 462 -1.60 -27.62 1.13
N ARG B 463 -2.51 -27.09 1.95
CA ARG B 463 -2.74 -25.65 2.05
C ARG B 463 -1.57 -24.92 2.70
N LEU B 464 -1.01 -25.51 3.74
CA LEU B 464 0.17 -24.95 4.42
C LEU B 464 1.33 -24.71 3.47
N ARG B 465 1.60 -25.68 2.61
CA ARG B 465 2.63 -25.55 1.59
C ARG B 465 2.51 -24.20 0.87
N THR B 466 1.30 -23.88 0.43
CA THR B 466 1.05 -22.65 -0.32
C THR B 466 1.27 -21.40 0.55
N VAL B 467 0.74 -21.42 1.77
CA VAL B 467 0.82 -20.27 2.69
C VAL B 467 2.28 -20.00 3.07
N LEU B 468 2.98 -21.07 3.38
CA LEU B 468 4.36 -21.00 3.83
C LEU B 468 5.26 -20.52 2.70
N TYR B 469 5.07 -21.05 1.50
CA TYR B 469 5.86 -20.62 0.35
C TYR B 469 5.71 -19.13 0.07
N ILE B 470 4.49 -18.64 0.11
CA ILE B 470 4.25 -17.21 -0.14
C ILE B 470 4.92 -16.37 0.97
N THR B 471 4.83 -16.81 2.23
CA THR B 471 5.37 -16.05 3.35
C THR B 471 6.89 -15.94 3.24
N LEU B 472 7.53 -17.09 3.02
CA LEU B 472 8.98 -17.14 2.83
C LEU B 472 9.44 -16.24 1.68
N GLU B 473 8.77 -16.34 0.55
CA GLU B 473 9.14 -15.54 -0.60
C GLU B 473 8.89 -14.04 -0.37
N GLY B 474 7.86 -13.68 0.38
CA GLY B 474 7.61 -12.29 0.75
C GLY B 474 8.68 -11.74 1.68
N VAL B 475 9.05 -12.55 2.66
CA VAL B 475 10.13 -12.17 3.57
C VAL B 475 11.45 -12.01 2.81
N ARG B 476 11.75 -12.90 1.86
CA ARG B 476 12.97 -12.81 1.08
C ARG B 476 13.06 -11.54 0.26
N VAL B 477 11.98 -11.20 -0.46
CA VAL B 477 11.99 -10.05 -1.34
C VAL B 477 12.03 -8.74 -0.55
N THR B 478 11.28 -8.66 0.56
CA THR B 478 11.34 -7.47 1.44
C THR B 478 12.70 -7.33 2.10
N THR B 479 13.27 -8.44 2.55
CA THR B 479 14.58 -8.42 3.20
C THR B 479 15.66 -7.99 2.21
N LEU B 480 15.56 -8.48 0.98
CA LEU B 480 16.47 -8.07 -0.09
C LEU B 480 16.44 -6.57 -0.34
N LEU B 481 15.26 -5.98 -0.41
CA LEU B 481 15.13 -4.52 -0.60
C LEU B 481 15.48 -3.69 0.64
N LEU B 482 15.40 -4.29 1.82
CA LEU B 482 15.87 -3.69 3.07
C LEU B 482 17.37 -3.89 3.39
N SER B 483 18.08 -4.65 2.55
CA SER B 483 19.45 -5.02 2.86
C SER B 483 20.40 -3.81 2.85
N PRO B 484 20.10 -2.76 2.05
CA PRO B 484 20.90 -1.53 2.20
C PRO B 484 20.71 -0.78 3.52
N ILE B 485 19.55 -0.94 4.16
CA ILE B 485 19.21 -0.29 5.42
C ILE B 485 19.67 -1.12 6.63
N LEU B 486 19.57 -2.44 6.51
CA LEU B 486 19.90 -3.39 7.58
C LEU B 486 20.89 -4.40 6.99
N PRO B 487 22.15 -3.97 6.78
CA PRO B 487 23.10 -4.87 6.10
C PRO B 487 23.49 -6.15 6.87
N ARG B 488 23.59 -6.08 8.20
CA ARG B 488 23.97 -7.25 8.98
C ARG B 488 22.81 -8.18 9.22
N LYS B 489 21.70 -7.61 9.67
CA LYS B 489 20.48 -8.40 9.91
C LYS B 489 19.92 -9.09 8.66
N SER B 490 20.04 -8.44 7.49
CA SER B 490 19.62 -9.08 6.24
C SER B 490 20.36 -10.38 5.99
N VAL B 491 21.64 -10.41 6.38
CA VAL B 491 22.48 -11.60 6.23
C VAL B 491 22.00 -12.69 7.19
N VAL B 492 21.69 -12.29 8.42
CA VAL B 492 21.14 -13.22 9.40
C VAL B 492 19.86 -13.82 8.84
N ILE B 493 18.94 -12.95 8.41
CA ILE B 493 17.64 -13.39 7.88
C ILE B 493 17.85 -14.34 6.72
N PHE B 494 18.65 -13.95 5.72
CA PHE B 494 18.92 -14.85 4.59
C PHE B 494 19.50 -16.20 5.03
N ASP B 495 20.36 -16.19 6.06
CA ASP B 495 20.91 -17.44 6.59
C ASP B 495 19.79 -18.29 7.19
N MET B 496 18.89 -17.67 7.95
CA MET B 496 17.76 -18.40 8.55
C MET B 496 16.86 -19.00 7.46
N LEU B 497 16.60 -18.25 6.39
CA LEU B 497 15.81 -18.75 5.27
C LEU B 497 16.56 -19.72 4.37
N GLY B 498 17.90 -19.78 4.51
CA GLY B 498 18.71 -20.69 3.72
C GLY B 498 18.82 -20.25 2.27
N VAL B 499 18.84 -18.94 2.05
CA VAL B 499 18.92 -18.38 0.71
C VAL B 499 20.36 -18.48 0.22
N PRO B 500 20.59 -19.23 -0.89
CA PRO B 500 21.94 -19.28 -1.46
C PRO B 500 22.54 -17.90 -1.66
N GLU B 501 23.86 -17.80 -1.52
CA GLU B 501 24.58 -16.52 -1.62
C GLU B 501 24.29 -15.81 -2.95
N VAL B 502 24.29 -16.57 -4.04
CA VAL B 502 24.03 -16.01 -5.37
C VAL B 502 22.67 -15.29 -5.45
N HIS B 503 21.68 -15.74 -4.67
CA HIS B 503 20.36 -15.13 -4.68
C HIS B 503 20.20 -13.90 -3.78
N ARG B 504 21.28 -13.42 -3.16
CA ARG B 504 21.20 -12.29 -2.22
C ARG B 504 21.48 -10.94 -2.86
N LYS B 505 21.68 -10.92 -4.17
CA LYS B 505 21.84 -9.67 -4.90
C LYS B 505 21.51 -9.88 -6.37
N GLY B 506 21.44 -8.80 -7.13
CA GLY B 506 21.18 -8.86 -8.57
C GLY B 506 19.71 -8.66 -8.86
N ILE B 507 19.42 -7.77 -9.79
CA ILE B 507 18.05 -7.41 -10.14
C ILE B 507 17.19 -8.61 -10.59
N GLU B 508 17.84 -9.63 -11.15
CA GLU B 508 17.18 -10.91 -11.45
C GLU B 508 16.53 -11.58 -10.21
N ASN B 509 17.08 -11.39 -9.02
CA ASN B 509 16.49 -11.95 -7.79
C ASN B 509 15.48 -11.04 -7.07
N PHE B 510 15.21 -9.86 -7.64
CA PHE B 510 14.05 -9.07 -7.25
C PHE B 510 12.75 -9.77 -7.67
N GLU B 511 12.80 -10.63 -8.68
CA GLU B 511 11.63 -11.39 -9.14
C GLU B 511 11.08 -12.39 -8.13
N PHE B 512 9.76 -12.49 -8.07
CA PHE B 512 9.06 -13.48 -7.24
C PHE B 512 9.41 -14.88 -7.77
N GLY B 513 9.65 -15.83 -6.87
CA GLY B 513 9.99 -17.21 -7.23
C GLY B 513 11.44 -17.51 -7.59
N ALA B 514 12.37 -16.61 -7.26
CA ALA B 514 13.78 -16.82 -7.59
C ALA B 514 14.49 -17.92 -6.80
N VAL B 515 13.99 -18.24 -5.60
CA VAL B 515 14.52 -19.34 -4.79
C VAL B 515 13.62 -20.53 -4.99
N PRO B 516 14.18 -21.65 -5.49
CA PRO B 516 13.31 -22.77 -5.81
C PRO B 516 12.85 -23.57 -4.58
N PRO B 517 11.65 -24.18 -4.67
CA PRO B 517 11.20 -25.08 -3.58
C PRO B 517 12.17 -26.24 -3.34
N GLY B 518 12.25 -26.70 -2.10
CA GLY B 518 13.20 -27.75 -1.70
C GLY B 518 14.52 -27.25 -1.12
N THR B 519 14.80 -25.96 -1.26
CA THR B 519 15.87 -25.30 -0.54
C THR B 519 15.70 -25.49 0.96
N ARG B 520 16.75 -25.98 1.63
CA ARG B 520 16.69 -26.19 3.08
C ARG B 520 17.01 -24.87 3.77
N LEU B 521 16.40 -24.65 4.93
CA LEU B 521 16.68 -23.49 5.77
C LEU B 521 18.04 -23.62 6.44
N GLY B 522 18.53 -22.52 7.00
CA GLY B 522 19.72 -22.55 7.81
C GLY B 522 19.35 -23.18 9.15
N PRO B 523 20.36 -23.65 9.91
CA PRO B 523 20.05 -24.25 11.20
C PRO B 523 19.60 -23.19 12.21
N ALA B 524 18.86 -23.62 13.22
CA ALA B 524 18.45 -22.74 14.31
C ALA B 524 19.56 -22.68 15.37
N VAL B 525 19.59 -21.60 16.14
CA VAL B 525 20.39 -21.54 17.38
C VAL B 525 19.39 -21.62 18.56
N GLU B 526 19.80 -22.28 19.65
CA GLU B 526 18.92 -22.54 20.80
C GLU B 526 18.55 -21.24 21.55
N GLY B 527 17.44 -20.62 21.14
CA GLY B 527 16.96 -19.35 21.70
C GLY B 527 17.51 -18.08 21.04
N GLU B 528 17.68 -18.11 19.72
CA GLU B 528 18.18 -16.97 18.95
C GLU B 528 17.08 -15.92 18.73
N VAL B 529 17.43 -14.65 18.92
CA VAL B 529 16.52 -13.51 18.67
C VAL B 529 17.18 -12.59 17.64
N LEU B 530 16.34 -12.01 16.78
CA LEU B 530 16.78 -11.15 15.68
C LEU B 530 16.82 -9.68 16.11
N PHE B 531 15.71 -9.22 16.69
CA PHE B 531 15.63 -7.90 17.32
C PHE B 531 14.98 -8.12 18.69
N SER B 532 15.75 -7.94 19.75
CA SER B 532 15.23 -8.08 21.11
C SER B 532 14.49 -6.81 21.51
N LYS B 533 13.29 -6.97 22.08
CA LYS B 533 12.49 -5.83 22.52
C LYS B 533 13.03 -5.21 23.81
N ARG B 534 13.11 -3.87 23.87
CA ARG B 534 13.58 -3.17 25.08
C ARG B 534 12.43 -2.47 25.76
N SER B 535 12.50 -2.31 27.07
CA SER B 535 11.35 -1.80 27.88
C SER B 535 11.20 -0.28 27.72
N THR B 536 9.95 0.19 27.78
CA THR B 536 9.56 1.54 27.26
C THR B 536 10.41 2.76 27.72
#